data_8BQB
#
_entry.id   8BQB
#
_cell.length_a   126.441
_cell.length_b   176.159
_cell.length_c   115.701
_cell.angle_alpha   90.000
_cell.angle_beta   90.000
_cell.angle_gamma   90.000
#
_symmetry.space_group_name_H-M   'C 2 2 21'
#
loop_
_entity.id
_entity.type
_entity.pdbx_description
1 polymer 'Cellulase, putative, cel5C'
2 non-polymer (1R,2S,3S,4S,5R,6R)-6-(HYDROXYMETHYL)CYCLOHEXANE-1,2,3,4,5-PENTOL
3 non-polymer beta-D-glucopyranose
4 water water
#
_entity_poly.entity_id   1
_entity_poly.type   'polypeptide(L)'
_entity_poly.pdbx_seq_one_letter_code
;MDNAWQNTSGWWNAGDVPAFDKRQLSRQLPLIRVDGNRFVDEQGNVQIFRGVSISDPNKLAKDQHFNKKHFDVIRSWGTN
VVRIPVHPSAWRERGVKGYLELLDQAITWNNELGMYTIIDWHSMGNLKSEMFQNSMYHTSKGETFDFWRRVSERYNGINS
VAFYEIFNEPTVFSGRLGIVSWAEWKAINEEAITIIQAHNPNAISLVAGFNWAYDLREAAANPIERNNVAYVSHPYPQKV
GAPYQANWERDFGFMADKYPVFATEIGYQLASDKGAHIPVIDDGSYGPRITDYFAKKGISWVAWVFDPDWSPQMIKSWDY
EPTMQGEHFRKVMLKENKLEHHHHHH
;
_entity_poly.pdbx_strand_id   A,B,C
#
loop_
_chem_comp.id
_chem_comp.type
_chem_comp.name
_chem_comp.formula
BGC D-saccharide, beta linking beta-D-glucopyranose 'C6 H12 O6'
YLL non-polymer (1R,2S,3S,4S,5R,6R)-6-(HYDROXYMETHYL)CYCLOHEXANE-1,2,3,4,5-PENTOL 'C7 H14 O6'
#
# COMPACT_ATOMS: atom_id res chain seq x y z
N THR A 8 25.84 23.08 4.86
CA THR A 8 27.04 23.63 4.15
C THR A 8 26.93 23.37 2.65
N SER A 9 26.60 22.10 2.30
CA SER A 9 26.55 21.59 0.92
C SER A 9 25.15 21.71 0.30
N GLY A 10 24.12 21.99 1.13
CA GLY A 10 22.71 21.92 0.74
C GLY A 10 22.25 23.14 -0.04
N TRP A 11 21.04 23.06 -0.61
CA TRP A 11 20.55 23.99 -1.64
C TRP A 11 20.43 25.44 -1.18
N TRP A 12 20.39 25.68 0.14
CA TRP A 12 20.15 27.00 0.69
C TRP A 12 21.45 27.62 1.22
N ASN A 13 22.62 27.02 0.95
CA ASN A 13 23.92 27.67 1.05
C ASN A 13 24.68 27.60 -0.29
N ALA A 14 24.30 28.42 -1.29
CA ALA A 14 25.09 28.47 -2.52
C ALA A 14 26.54 28.66 -2.11
N GLY A 15 27.43 27.71 -2.42
CA GLY A 15 28.85 27.99 -2.52
C GLY A 15 29.17 28.80 -3.78
N ASP A 16 28.58 30.03 -3.88
CA ASP A 16 28.34 30.80 -5.10
C ASP A 16 29.06 30.13 -6.27
N VAL A 17 28.31 29.40 -7.11
CA VAL A 17 28.82 28.28 -7.91
C VAL A 17 29.39 28.78 -9.24
N PRO A 18 30.66 28.47 -9.63
CA PRO A 18 31.25 29.04 -10.84
C PRO A 18 30.34 28.71 -12.04
N ALA A 19 30.31 29.58 -13.05
CA ALA A 19 29.49 29.36 -14.23
C ALA A 19 30.01 28.15 -15.01
N PHE A 20 29.21 27.70 -15.99
CA PHE A 20 29.62 26.57 -16.81
C PHE A 20 30.60 27.05 -17.90
N ASP A 21 31.75 26.37 -18.01
CA ASP A 21 32.74 26.67 -19.03
C ASP A 21 32.31 26.04 -20.37
N LYS A 22 31.83 26.92 -21.28
CA LYS A 22 31.35 26.58 -22.61
C LYS A 22 32.48 26.52 -23.64
N ARG A 23 33.74 26.74 -23.20
CA ARG A 23 34.94 26.46 -24.01
C ARG A 23 35.08 24.95 -24.22
N GLN A 24 34.43 24.12 -23.39
CA GLN A 24 34.46 22.67 -23.51
C GLN A 24 33.61 22.18 -24.70
N LEU A 25 32.73 23.05 -25.27
CA LEU A 25 31.75 22.63 -26.27
C LEU A 25 32.12 23.14 -27.65
N SER A 26 31.88 22.32 -28.67
CA SER A 26 32.32 22.63 -30.03
C SER A 26 31.15 22.55 -31.00
N ARG A 27 29.94 22.39 -30.49
CA ARG A 27 28.90 21.73 -31.26
C ARG A 27 27.55 22.28 -30.79
N GLN A 28 26.71 22.77 -31.71
CA GLN A 28 25.41 23.32 -31.36
C GLN A 28 24.35 22.63 -32.20
N LEU A 29 23.53 21.80 -31.55
CA LEU A 29 22.48 21.07 -32.24
C LEU A 29 21.33 22.02 -32.54
N PRO A 30 20.47 21.73 -33.54
CA PRO A 30 19.33 22.59 -33.85
C PRO A 30 18.45 22.89 -32.64
N LEU A 31 17.98 24.14 -32.55
CA LEU A 31 17.03 24.54 -31.54
C LEU A 31 15.68 23.86 -31.78
N ILE A 32 15.17 23.19 -30.76
CA ILE A 32 13.87 22.54 -30.81
C ILE A 32 12.84 23.42 -30.11
N ARG A 33 11.60 23.44 -30.63
CA ARG A 33 10.47 24.14 -30.02
C ARG A 33 9.22 23.28 -30.14
N VAL A 34 8.22 23.60 -29.32
CA VAL A 34 6.90 23.01 -29.46
C VAL A 34 6.09 23.88 -30.42
N ASP A 35 5.68 23.29 -31.55
CA ASP A 35 4.65 23.86 -32.39
C ASP A 35 3.41 22.97 -32.31
N GLY A 36 2.38 23.50 -31.64
CA GLY A 36 1.12 22.80 -31.48
C GLY A 36 1.32 21.46 -30.78
N ASN A 37 1.24 20.37 -31.57
CA ASN A 37 1.19 19.01 -31.04
C ASN A 37 2.42 18.20 -31.43
N ARG A 38 3.48 18.87 -31.94
CA ARG A 38 4.73 18.19 -32.21
C ARG A 38 5.93 19.09 -31.88
N PHE A 39 7.10 18.47 -31.82
CA PHE A 39 8.37 19.17 -31.70
C PHE A 39 8.88 19.46 -33.10
N VAL A 40 9.48 20.65 -33.32
CA VAL A 40 10.03 21.00 -34.63
C VAL A 40 11.35 21.74 -34.46
N ASP A 41 12.11 21.84 -35.57
CA ASP A 41 13.40 22.53 -35.58
C ASP A 41 13.22 23.97 -36.09
N GLU A 42 14.30 24.59 -36.60
CA GLU A 42 14.22 25.94 -37.13
C GLU A 42 13.40 25.98 -38.42
N GLN A 43 13.52 24.91 -39.23
CA GLN A 43 12.84 24.84 -40.52
C GLN A 43 11.37 24.48 -40.34
N GLY A 44 10.99 23.96 -39.17
CA GLY A 44 9.61 23.57 -38.91
C GLY A 44 9.35 22.13 -39.31
N ASN A 45 10.43 21.32 -39.41
CA ASN A 45 10.33 19.88 -39.61
C ASN A 45 10.03 19.17 -38.29
N VAL A 46 9.12 18.19 -38.35
CA VAL A 46 8.80 17.38 -37.17
C VAL A 46 10.04 16.61 -36.73
N GLN A 47 10.22 16.55 -35.40
CA GLN A 47 11.32 15.83 -34.78
C GLN A 47 10.73 14.87 -33.74
N ILE A 48 11.26 13.65 -33.72
CA ILE A 48 10.84 12.62 -32.78
C ILE A 48 12.09 12.08 -32.08
N PHE A 49 12.06 12.05 -30.75
CA PHE A 49 13.22 11.62 -29.97
C PHE A 49 13.00 10.20 -29.46
N ARG A 50 14.06 9.41 -29.56
CA ARG A 50 14.07 8.00 -29.20
C ARG A 50 15.42 7.71 -28.57
N GLY A 51 15.42 7.46 -27.27
CA GLY A 51 16.66 7.43 -26.52
C GLY A 51 16.57 6.53 -25.31
N VAL A 52 17.44 6.82 -24.32
CA VAL A 52 17.61 6.02 -23.13
C VAL A 52 17.86 6.92 -21.93
N SER A 53 17.46 6.44 -20.74
CA SER A 53 17.94 6.97 -19.47
C SER A 53 19.26 6.28 -19.11
N ILE A 54 20.26 7.09 -18.73
CA ILE A 54 21.38 6.58 -17.96
C ILE A 54 20.93 6.42 -16.52
N SER A 55 21.74 5.71 -15.71
CA SER A 55 21.60 5.74 -14.28
C SER A 55 22.09 7.11 -13.78
N ASP A 56 21.83 7.40 -12.51
CA ASP A 56 22.28 8.65 -11.92
C ASP A 56 23.78 8.76 -12.09
N PRO A 57 24.30 9.88 -12.65
CA PRO A 57 25.74 10.12 -12.66
C PRO A 57 26.47 9.79 -11.35
N ASN A 58 25.82 9.99 -10.20
CA ASN A 58 26.40 9.64 -8.90
C ASN A 58 26.72 8.15 -8.81
N LYS A 59 25.80 7.29 -9.26
CA LYS A 59 26.05 5.86 -9.32
C LYS A 59 27.19 5.58 -10.31
N LEU A 60 27.05 6.05 -11.56
CA LEU A 60 28.06 5.86 -12.60
C LEU A 60 29.47 6.17 -12.12
N ALA A 61 29.62 7.27 -11.37
CA ALA A 61 30.94 7.71 -10.92
C ALA A 61 31.52 6.72 -9.90
N LYS A 62 30.68 6.21 -8.99
CA LYS A 62 31.07 5.20 -8.04
C LYS A 62 31.35 3.86 -8.73
N ASP A 63 30.56 3.54 -9.74
CA ASP A 63 30.71 2.30 -10.48
C ASP A 63 31.94 2.38 -11.40
N GLN A 64 32.53 3.58 -11.49
CA GLN A 64 33.78 3.77 -12.21
C GLN A 64 33.53 3.75 -13.72
N HIS A 65 32.31 4.08 -14.17
CA HIS A 65 31.97 4.05 -15.57
C HIS A 65 31.37 5.39 -16.02
N PHE A 66 31.67 6.44 -15.24
CA PHE A 66 31.37 7.78 -15.67
C PHE A 66 32.50 8.27 -16.60
N ASN A 67 32.56 7.74 -17.83
CA ASN A 67 33.63 8.02 -18.78
C ASN A 67 33.04 8.21 -20.17
N LYS A 68 33.88 8.67 -21.11
CA LYS A 68 33.45 8.95 -22.46
C LYS A 68 33.01 7.66 -23.19
N LYS A 69 33.65 6.54 -22.87
CA LYS A 69 33.39 5.27 -23.55
C LYS A 69 31.92 4.88 -23.35
N HIS A 70 31.39 5.18 -22.16
CA HIS A 70 30.03 4.82 -21.79
C HIS A 70 29.04 5.52 -22.71
N PHE A 71 29.32 6.80 -22.98
CA PHE A 71 28.44 7.63 -23.78
C PHE A 71 28.62 7.29 -25.26
N ASP A 72 29.86 6.98 -25.66
CA ASP A 72 30.17 6.52 -27.01
C ASP A 72 29.31 5.34 -27.40
N VAL A 73 29.15 4.37 -26.48
CA VAL A 73 28.31 3.22 -26.72
C VAL A 73 26.87 3.66 -26.92
N ILE A 74 26.35 4.45 -25.98
CA ILE A 74 24.96 4.89 -26.04
C ILE A 74 24.70 5.46 -27.42
N ARG A 75 25.64 6.30 -27.89
CA ARG A 75 25.50 6.94 -29.18
C ARG A 75 25.44 5.88 -30.28
N SER A 76 26.27 4.84 -30.14
CA SER A 76 26.41 3.79 -31.14
C SER A 76 25.16 2.93 -31.24
N TRP A 77 24.22 3.05 -30.28
CA TRP A 77 22.95 2.36 -30.37
C TRP A 77 21.90 3.17 -31.16
N GLY A 78 22.31 4.33 -31.69
CA GLY A 78 21.44 5.16 -32.53
C GLY A 78 20.67 6.20 -31.72
N THR A 79 20.98 6.27 -30.42
CA THR A 79 20.34 7.15 -29.44
C THR A 79 20.44 8.61 -29.87
N ASN A 80 19.32 9.35 -29.86
CA ASN A 80 19.34 10.78 -30.19
C ASN A 80 18.98 11.63 -28.98
N VAL A 81 18.78 11.00 -27.82
CA VAL A 81 18.50 11.72 -26.59
C VAL A 81 18.86 10.85 -25.39
N VAL A 82 19.42 11.51 -24.38
CA VAL A 82 19.82 10.86 -23.14
C VAL A 82 19.10 11.54 -21.99
N ARG A 83 18.40 10.75 -21.16
CA ARG A 83 17.73 11.25 -19.97
C ARG A 83 18.64 11.07 -18.74
N ILE A 84 18.77 12.12 -17.93
CA ILE A 84 19.68 12.12 -16.80
C ILE A 84 18.88 12.18 -15.51
N PRO A 85 18.68 11.05 -14.80
CA PRO A 85 17.84 11.03 -13.60
C PRO A 85 18.60 11.49 -12.35
N VAL A 86 18.50 12.79 -12.08
CA VAL A 86 19.09 13.40 -10.90
C VAL A 86 18.25 13.10 -9.66
N HIS A 87 18.70 12.12 -8.87
CA HIS A 87 18.03 11.82 -7.61
C HIS A 87 18.34 12.93 -6.62
N PRO A 88 17.32 13.52 -5.96
CA PRO A 88 17.57 14.50 -4.91
C PRO A 88 18.50 14.04 -3.78
N SER A 89 18.49 12.75 -3.43
CA SER A 89 19.38 12.24 -2.39
C SER A 89 20.85 12.30 -2.83
N ALA A 90 21.08 12.12 -4.15
CA ALA A 90 22.41 12.19 -4.75
C ALA A 90 22.87 13.63 -4.91
N TRP A 91 21.94 14.52 -5.29
CA TRP A 91 22.12 15.97 -5.24
C TRP A 91 22.65 16.38 -3.87
N ARG A 92 22.08 15.78 -2.81
CA ARG A 92 22.48 16.09 -1.45
C ARG A 92 23.80 15.41 -1.09
N GLU A 93 23.98 14.16 -1.51
CA GLU A 93 25.19 13.41 -1.19
C GLU A 93 26.41 14.13 -1.76
N ARG A 94 26.40 14.54 -3.03
CA ARG A 94 27.53 15.20 -3.67
C ARG A 94 27.60 16.69 -3.36
N GLY A 95 26.49 17.24 -2.87
CA GLY A 95 26.34 18.69 -2.78
C GLY A 95 26.13 19.34 -4.14
N VAL A 96 25.64 20.58 -4.14
CA VAL A 96 25.30 21.25 -5.37
C VAL A 96 26.54 21.33 -6.28
N LYS A 97 27.63 21.87 -5.76
CA LYS A 97 28.82 22.13 -6.54
C LYS A 97 29.33 20.85 -7.19
N GLY A 98 29.39 19.78 -6.39
CA GLY A 98 29.93 18.50 -6.82
C GLY A 98 29.02 17.77 -7.80
N TYR A 99 27.70 17.97 -7.68
CA TYR A 99 26.76 17.35 -8.59
C TYR A 99 26.81 18.05 -9.95
N LEU A 100 26.97 19.37 -9.95
CA LEU A 100 26.92 20.09 -11.20
C LEU A 100 28.17 19.78 -12.03
N GLU A 101 29.28 19.51 -11.33
CA GLU A 101 30.48 19.05 -12.01
C GLU A 101 30.19 17.77 -12.80
N LEU A 102 29.48 16.82 -12.19
CA LEU A 102 29.08 15.61 -12.87
C LEU A 102 28.15 15.94 -14.05
N LEU A 103 27.13 16.77 -13.75
CA LEU A 103 26.04 16.98 -14.67
C LEU A 103 26.55 17.70 -15.91
N ASP A 104 27.36 18.76 -15.70
CA ASP A 104 28.13 19.42 -16.75
C ASP A 104 28.83 18.42 -17.68
N GLN A 105 29.61 17.49 -17.10
CA GLN A 105 30.45 16.60 -17.87
C GLN A 105 29.55 15.70 -18.73
N ALA A 106 28.43 15.22 -18.14
CA ALA A 106 27.49 14.34 -18.82
C ALA A 106 26.91 15.04 -20.04
N ILE A 107 26.41 16.25 -19.79
CA ILE A 107 25.83 17.09 -20.82
C ILE A 107 26.86 17.37 -21.91
N THR A 108 28.13 17.55 -21.51
CA THR A 108 29.21 17.83 -22.45
C THR A 108 29.37 16.65 -23.42
N TRP A 109 29.46 15.43 -22.86
CA TRP A 109 29.58 14.23 -23.68
C TRP A 109 28.36 14.05 -24.59
N ASN A 110 27.16 14.17 -24.02
CA ASN A 110 25.92 14.12 -24.79
C ASN A 110 25.99 15.07 -25.98
N ASN A 111 26.23 16.36 -25.69
CA ASN A 111 26.31 17.41 -26.70
C ASN A 111 27.27 17.04 -27.84
N GLU A 112 28.51 16.68 -27.49
CA GLU A 112 29.56 16.46 -28.47
C GLU A 112 29.22 15.25 -29.34
N LEU A 113 28.50 14.27 -28.80
CA LEU A 113 28.14 13.09 -29.58
C LEU A 113 26.84 13.32 -30.37
N GLY A 114 26.32 14.55 -30.36
CA GLY A 114 25.13 14.90 -31.11
C GLY A 114 23.86 14.36 -30.46
N MET A 115 23.85 14.29 -29.13
CA MET A 115 22.68 13.78 -28.40
C MET A 115 22.06 14.90 -27.56
N TYR A 116 20.73 14.99 -27.66
CA TYR A 116 19.97 15.88 -26.82
C TYR A 116 19.91 15.31 -25.40
N THR A 117 19.61 16.21 -24.46
CA THR A 117 19.65 15.89 -23.05
C THR A 117 18.30 16.23 -22.44
N ILE A 118 17.73 15.30 -21.68
CA ILE A 118 16.65 15.61 -20.76
C ILE A 118 17.21 15.64 -19.35
N ILE A 119 16.93 16.73 -18.64
CA ILE A 119 17.21 16.83 -17.22
C ILE A 119 15.96 16.42 -16.45
N ASP A 120 16.13 15.34 -15.68
CA ASP A 120 15.03 14.73 -14.96
C ASP A 120 15.30 14.89 -13.47
N TRP A 121 14.43 15.66 -12.78
CA TRP A 121 14.48 15.71 -11.33
C TRP A 121 13.79 14.45 -10.83
N HIS A 122 14.60 13.42 -10.55
CA HIS A 122 14.07 12.08 -10.45
C HIS A 122 13.52 11.82 -9.05
N SER A 123 12.32 12.36 -8.77
CA SER A 123 11.61 12.05 -7.54
C SER A 123 10.42 11.14 -7.82
N MET A 124 9.65 10.81 -6.78
CA MET A 124 8.54 9.90 -6.93
C MET A 124 7.62 10.00 -5.71
N GLY A 125 6.39 10.50 -5.94
CA GLY A 125 5.38 10.64 -4.92
C GLY A 125 4.66 11.98 -5.01
N ASN A 126 4.40 12.55 -3.83
CA ASN A 126 3.53 13.70 -3.69
C ASN A 126 4.36 14.84 -3.11
N LEU A 127 4.82 15.75 -3.99
CA LEU A 127 5.70 16.84 -3.56
C LEU A 127 4.95 17.77 -2.62
N LYS A 128 3.70 18.08 -2.92
CA LYS A 128 2.96 19.06 -2.17
C LYS A 128 2.93 18.67 -0.68
N SER A 129 2.72 17.39 -0.38
CA SER A 129 2.54 16.92 0.99
C SER A 129 3.85 16.36 1.58
N GLU A 130 4.89 16.30 0.73
CA GLU A 130 6.25 15.89 1.09
C GLU A 130 6.25 14.44 1.56
N MET A 131 5.57 13.61 0.76
CA MET A 131 5.56 12.18 0.98
C MET A 131 6.02 11.49 -0.31
N PHE A 132 7.10 10.70 -0.17
CA PHE A 132 7.79 10.09 -1.31
C PHE A 132 7.84 8.59 -1.12
N GLN A 133 8.03 7.89 -2.25
CA GLN A 133 8.04 6.43 -2.31
C GLN A 133 9.08 5.86 -1.36
N ASN A 134 10.20 6.56 -1.24
CA ASN A 134 11.38 6.05 -0.58
C ASN A 134 12.32 7.25 -0.37
N SER A 135 13.24 7.12 0.60
CA SER A 135 14.12 8.20 1.06
C SER A 135 14.97 8.81 -0.05
N MET A 136 15.29 8.03 -1.09
CA MET A 136 16.24 8.44 -2.10
C MET A 136 15.59 9.42 -3.09
N TYR A 137 14.24 9.52 -3.03
CA TYR A 137 13.47 10.42 -3.86
C TYR A 137 13.02 11.66 -3.08
N HIS A 138 13.33 11.71 -1.78
CA HIS A 138 12.82 12.76 -0.90
C HIS A 138 13.31 14.12 -1.34
N THR A 139 12.40 15.10 -1.37
CA THR A 139 12.76 16.47 -1.72
C THR A 139 11.76 17.43 -1.09
N SER A 140 11.94 18.73 -1.39
CA SER A 140 11.00 19.76 -0.96
C SER A 140 10.71 20.69 -2.13
N LYS A 141 9.62 21.43 -1.99
CA LYS A 141 9.27 22.46 -2.96
C LYS A 141 10.45 23.43 -3.11
N GLY A 142 11.08 23.81 -2.00
CA GLY A 142 12.18 24.75 -2.03
C GLY A 142 13.36 24.23 -2.84
N GLU A 143 13.75 22.98 -2.53
CA GLU A 143 14.88 22.30 -3.15
C GLU A 143 14.63 22.15 -4.65
N THR A 144 13.39 21.76 -4.96
CA THR A 144 12.98 21.49 -6.32
C THR A 144 13.08 22.76 -7.17
N PHE A 145 12.51 23.84 -6.65
CA PHE A 145 12.55 25.12 -7.33
C PHE A 145 14.00 25.59 -7.47
N ASP A 146 14.78 25.43 -6.39
CA ASP A 146 16.17 25.84 -6.43
C ASP A 146 16.93 25.10 -7.55
N PHE A 147 16.70 23.80 -7.64
CA PHE A 147 17.31 22.98 -8.68
C PHE A 147 17.04 23.56 -10.06
N TRP A 148 15.76 23.87 -10.35
CA TRP A 148 15.38 24.29 -11.69
C TRP A 148 15.90 25.70 -11.99
N ARG A 149 16.01 26.54 -10.95
CA ARG A 149 16.68 27.83 -11.06
C ARG A 149 18.14 27.68 -11.51
N ARG A 150 18.89 26.78 -10.85
CA ARG A 150 20.30 26.66 -11.15
C ARG A 150 20.52 26.09 -12.55
N VAL A 151 19.84 24.98 -12.86
CA VAL A 151 20.15 24.28 -14.10
C VAL A 151 19.61 25.06 -15.29
N SER A 152 18.40 25.62 -15.18
CA SER A 152 17.81 26.35 -16.30
C SER A 152 18.76 27.46 -16.76
N GLU A 153 19.35 28.19 -15.79
CA GLU A 153 20.29 29.27 -16.08
C GLU A 153 21.61 28.72 -16.62
N ARG A 154 22.16 27.74 -15.90
CA ARG A 154 23.49 27.22 -16.19
C ARG A 154 23.60 26.77 -17.67
N TYR A 155 22.55 26.12 -18.18
CA TYR A 155 22.58 25.47 -19.48
C TYR A 155 21.76 26.27 -20.49
N ASN A 156 21.46 27.52 -20.16
CA ASN A 156 20.79 28.40 -21.10
C ASN A 156 21.69 28.64 -22.32
N GLY A 157 21.11 28.47 -23.50
CA GLY A 157 21.77 28.76 -24.76
C GLY A 157 22.41 27.53 -25.40
N ILE A 158 22.23 26.37 -24.76
CA ILE A 158 22.74 25.09 -25.24
C ILE A 158 21.57 24.26 -25.76
N ASN A 159 21.34 24.31 -27.06
CA ASN A 159 20.16 23.71 -27.66
C ASN A 159 20.09 22.21 -27.33
N SER A 160 21.26 21.53 -27.31
CA SER A 160 21.39 20.16 -26.83
C SER A 160 20.50 19.91 -25.60
N VAL A 161 20.59 20.80 -24.60
CA VAL A 161 19.86 20.67 -23.35
C VAL A 161 18.49 21.33 -23.52
N ALA A 162 17.58 20.57 -24.14
CA ALA A 162 16.33 21.09 -24.70
C ALA A 162 15.16 20.91 -23.73
N PHE A 163 15.25 19.87 -22.87
CA PHE A 163 14.08 19.33 -22.17
C PHE A 163 14.31 19.31 -20.66
N TYR A 164 13.35 19.88 -19.91
CA TYR A 164 13.45 20.02 -18.46
C TYR A 164 12.24 19.29 -17.88
N GLU A 165 12.50 18.09 -17.34
CA GLU A 165 11.43 17.23 -16.85
C GLU A 165 11.23 17.48 -15.35
N ILE A 166 10.09 18.06 -15.00
CA ILE A 166 9.90 18.72 -13.71
C ILE A 166 9.95 17.74 -12.53
N PHE A 167 9.28 16.60 -12.67
CA PHE A 167 9.16 15.64 -11.58
C PHE A 167 8.85 14.25 -12.16
N ASN A 168 9.81 13.33 -12.00
CA ASN A 168 9.80 12.03 -12.65
C ASN A 168 8.39 11.43 -12.60
N GLU A 169 7.97 10.97 -11.41
CA GLU A 169 6.76 10.17 -11.24
C GLU A 169 5.91 10.71 -10.08
N PRO A 170 4.92 11.59 -10.34
CA PRO A 170 3.93 11.95 -9.33
C PRO A 170 2.98 10.79 -9.03
N THR A 171 2.68 10.57 -7.75
CA THR A 171 1.72 9.56 -7.31
C THR A 171 1.30 9.85 -5.86
N VAL A 172 0.07 9.44 -5.51
CA VAL A 172 -0.43 9.46 -4.13
C VAL A 172 -0.54 8.04 -3.57
N PHE A 173 -0.34 7.03 -4.44
CA PHE A 173 -0.27 5.65 -4.01
C PHE A 173 -1.57 5.29 -3.29
N SER A 174 -2.71 5.73 -3.85
CA SER A 174 -4.01 5.39 -3.31
C SER A 174 -4.15 5.87 -1.86
N GLY A 175 -3.52 7.03 -1.55
CA GLY A 175 -3.67 7.67 -0.25
C GLY A 175 -2.47 7.47 0.70
N ARG A 176 -1.61 6.49 0.39
CA ARG A 176 -0.49 6.16 1.26
C ARG A 176 0.44 7.36 1.31
N LEU A 177 0.53 8.14 0.22
CA LEU A 177 1.31 9.37 0.15
C LEU A 177 0.43 10.62 0.13
N GLY A 178 -0.73 10.53 0.79
CA GLY A 178 -1.60 11.67 1.02
C GLY A 178 -2.45 12.06 -0.18
N ILE A 179 -2.78 13.38 -0.24
CA ILE A 179 -3.73 13.97 -1.18
C ILE A 179 -3.09 15.15 -1.92
N VAL A 180 -3.44 15.28 -3.21
CA VAL A 180 -3.09 16.44 -4.03
C VAL A 180 -3.99 16.45 -5.26
N SER A 181 -4.65 17.58 -5.57
CA SER A 181 -5.48 17.67 -6.77
C SER A 181 -4.61 18.00 -7.98
N TRP A 182 -5.08 17.60 -9.17
CA TRP A 182 -4.42 18.00 -10.40
C TRP A 182 -4.30 19.54 -10.44
N ALA A 183 -5.33 20.25 -9.97
CA ALA A 183 -5.31 21.71 -9.97
C ALA A 183 -4.12 22.24 -9.18
N GLU A 184 -3.84 21.64 -8.01
CA GLU A 184 -2.74 22.07 -7.15
C GLU A 184 -1.40 21.78 -7.81
N TRP A 185 -1.31 20.63 -8.50
CA TRP A 185 -0.09 20.19 -9.17
C TRP A 185 0.20 21.07 -10.38
N LYS A 186 -0.84 21.40 -11.15
CA LYS A 186 -0.76 22.34 -12.25
C LYS A 186 -0.09 23.64 -11.79
N ALA A 187 -0.49 24.15 -10.61
CA ALA A 187 0.02 25.41 -10.08
C ALA A 187 1.52 25.32 -9.79
N ILE A 188 1.94 24.18 -9.25
CA ILE A 188 3.33 23.93 -8.94
C ILE A 188 4.14 23.82 -10.23
N ASN A 189 3.66 23.05 -11.22
CA ASN A 189 4.35 23.00 -12.51
C ASN A 189 4.42 24.38 -13.15
N GLU A 190 3.38 25.19 -13.01
CA GLU A 190 3.36 26.52 -13.59
C GLU A 190 4.47 27.38 -12.98
N GLU A 191 4.66 27.27 -11.66
CA GLU A 191 5.71 28.03 -11.00
C GLU A 191 7.09 27.57 -11.46
N ALA A 192 7.28 26.24 -11.53
CA ALA A 192 8.56 25.68 -11.97
C ALA A 192 8.90 26.20 -13.35
N ILE A 193 7.91 26.21 -14.25
CA ILE A 193 8.10 26.54 -15.64
C ILE A 193 8.38 28.04 -15.78
N THR A 194 7.71 28.87 -14.96
CA THR A 194 7.98 30.31 -14.94
C THR A 194 9.44 30.56 -14.58
N ILE A 195 9.97 29.77 -13.62
CA ILE A 195 11.34 29.86 -13.16
C ILE A 195 12.29 29.51 -14.29
N ILE A 196 12.04 28.35 -14.89
CA ILE A 196 12.83 27.88 -16.02
C ILE A 196 12.82 28.91 -17.16
N GLN A 197 11.61 29.39 -17.52
CA GLN A 197 11.46 30.23 -18.70
C GLN A 197 12.09 31.59 -18.44
N ALA A 198 12.14 32.01 -17.17
CA ALA A 198 12.68 33.32 -16.82
C ALA A 198 14.19 33.31 -16.99
N HIS A 199 14.80 32.13 -16.80
CA HIS A 199 16.24 31.95 -16.88
C HIS A 199 16.65 31.48 -18.28
N ASN A 200 15.72 30.83 -19.01
CA ASN A 200 16.03 30.08 -20.22
C ASN A 200 14.83 30.15 -21.15
N PRO A 201 14.71 31.23 -21.95
CA PRO A 201 13.55 31.43 -22.82
C PRO A 201 13.19 30.28 -23.75
N ASN A 202 14.14 29.38 -24.07
CA ASN A 202 13.93 28.41 -25.14
C ASN A 202 13.64 27.01 -24.61
N ALA A 203 13.60 26.87 -23.28
CA ALA A 203 13.49 25.58 -22.63
C ALA A 203 12.09 24.99 -22.78
N ILE A 204 12.09 23.70 -23.14
CA ILE A 204 10.89 22.89 -23.19
C ILE A 204 10.73 22.16 -21.84
N SER A 205 9.51 22.20 -21.30
CA SER A 205 9.22 21.66 -19.98
C SER A 205 8.35 20.40 -20.15
N LEU A 206 8.70 19.31 -19.44
CA LEU A 206 7.97 18.04 -19.55
C LEU A 206 7.19 17.79 -18.26
N VAL A 207 5.86 17.73 -18.42
CA VAL A 207 4.96 17.75 -17.29
C VAL A 207 4.21 16.42 -17.24
N ALA A 208 4.01 15.91 -15.99
CA ALA A 208 3.48 14.57 -15.77
C ALA A 208 2.23 14.63 -14.90
N GLY A 209 1.33 13.64 -15.08
CA GLY A 209 0.19 13.42 -14.21
C GLY A 209 0.44 12.27 -13.23
N PHE A 210 -0.63 11.77 -12.61
CA PHE A 210 -0.52 10.87 -11.47
C PHE A 210 -0.59 9.42 -11.93
N ASN A 211 -0.66 8.50 -10.95
CA ASN A 211 -0.56 7.07 -11.19
C ASN A 211 0.85 6.79 -11.77
N TRP A 212 1.87 7.43 -11.15
CA TRP A 212 3.27 7.27 -11.51
C TRP A 212 3.47 7.74 -12.96
N ALA A 213 3.08 8.99 -13.19
CA ALA A 213 3.27 9.67 -14.47
C ALA A 213 2.66 8.87 -15.62
N TYR A 214 1.44 8.35 -15.41
CA TYR A 214 0.78 7.54 -16.44
C TYR A 214 -0.42 8.27 -17.02
N ASP A 215 -1.24 8.92 -16.18
CA ASP A 215 -2.49 9.54 -16.62
C ASP A 215 -2.30 10.95 -17.17
N LEU A 216 -2.99 11.24 -18.29
CA LEU A 216 -3.04 12.58 -18.85
C LEU A 216 -4.47 13.06 -19.03
N ARG A 217 -5.45 12.37 -18.46
CA ARG A 217 -6.83 12.76 -18.60
C ARG A 217 -7.15 13.98 -17.75
N GLU A 218 -6.60 14.06 -16.54
CA GLU A 218 -6.77 15.26 -15.72
C GLU A 218 -6.06 16.45 -16.36
N ALA A 219 -4.89 16.21 -16.96
CA ALA A 219 -4.11 17.28 -17.57
C ALA A 219 -4.82 17.86 -18.79
N ALA A 220 -5.32 16.94 -19.64
CA ALA A 220 -6.10 17.32 -20.81
C ALA A 220 -7.27 18.22 -20.42
N ALA A 221 -7.94 17.95 -19.29
CA ALA A 221 -9.13 18.68 -18.89
C ALA A 221 -8.78 20.05 -18.32
N ASN A 222 -7.52 20.27 -17.93
CA ASN A 222 -7.17 21.50 -17.24
C ASN A 222 -5.69 21.78 -17.49
N PRO A 223 -5.30 22.05 -18.74
CA PRO A 223 -3.89 22.05 -19.10
C PRO A 223 -3.07 23.19 -18.52
N ILE A 224 -1.76 22.92 -18.47
CA ILE A 224 -0.76 23.87 -18.04
C ILE A 224 -0.83 25.08 -18.96
N GLU A 225 -1.00 26.27 -18.38
CA GLU A 225 -1.11 27.50 -19.14
C GLU A 225 0.28 28.11 -19.30
N ARG A 226 1.13 27.44 -20.10
CA ARG A 226 2.44 27.97 -20.46
C ARG A 226 2.81 27.46 -21.84
N ASN A 227 3.74 28.15 -22.53
CA ASN A 227 4.22 27.72 -23.83
C ASN A 227 5.39 26.75 -23.67
N ASN A 228 5.72 26.05 -24.76
CA ASN A 228 6.79 25.05 -24.75
C ASN A 228 6.57 24.01 -23.65
N VAL A 229 5.40 23.37 -23.68
CA VAL A 229 5.08 22.29 -22.76
C VAL A 229 4.75 21.04 -23.57
N ALA A 230 5.31 19.91 -23.13
CA ALA A 230 4.88 18.59 -23.57
C ALA A 230 4.52 17.76 -22.34
N TYR A 231 3.73 16.71 -22.55
CA TYR A 231 3.19 15.91 -21.47
C TYR A 231 3.80 14.50 -21.49
N VAL A 232 3.94 13.92 -20.30
CA VAL A 232 4.70 12.70 -20.07
C VAL A 232 3.75 11.56 -19.71
N SER A 233 4.11 10.34 -20.12
CA SER A 233 3.48 9.13 -19.62
C SER A 233 4.52 8.00 -19.54
N HIS A 234 4.34 7.13 -18.55
CA HIS A 234 5.22 6.00 -18.31
C HIS A 234 4.40 4.71 -18.41
N PRO A 235 3.98 4.31 -19.63
CA PRO A 235 3.15 3.12 -19.82
C PRO A 235 3.92 1.80 -19.81
N TYR A 236 4.20 1.32 -18.59
CA TYR A 236 4.90 0.05 -18.41
C TYR A 236 3.97 -1.08 -18.86
N PRO A 237 4.53 -2.26 -19.19
CA PRO A 237 3.74 -3.38 -19.68
C PRO A 237 2.47 -3.69 -18.90
N GLN A 238 2.56 -3.62 -17.57
CA GLN A 238 1.51 -4.16 -16.72
C GLN A 238 0.76 -3.01 -16.05
N LYS A 239 0.91 -1.79 -16.56
CA LYS A 239 0.11 -0.66 -16.07
C LYS A 239 -1.35 -0.88 -16.40
N VAL A 240 -1.61 -1.38 -17.62
CA VAL A 240 -2.91 -1.87 -18.03
C VAL A 240 -2.72 -3.20 -18.77
N GLY A 241 -3.82 -3.96 -18.89
CA GLY A 241 -3.82 -5.19 -19.65
C GLY A 241 -4.36 -4.98 -21.06
N ALA A 242 -4.60 -6.09 -21.76
CA ALA A 242 -5.18 -6.05 -23.09
C ALA A 242 -6.64 -5.61 -22.96
N PRO A 243 -7.22 -4.96 -24.01
CA PRO A 243 -6.48 -4.60 -25.24
C PRO A 243 -5.65 -3.32 -25.05
N TYR A 244 -4.36 -3.43 -25.34
CA TYR A 244 -3.34 -2.47 -24.94
C TYR A 244 -3.58 -1.09 -25.53
N GLN A 245 -3.68 -1.02 -26.87
CA GLN A 245 -3.63 0.24 -27.60
C GLN A 245 -4.87 1.07 -27.27
N ALA A 246 -6.03 0.41 -27.15
CA ALA A 246 -7.27 1.06 -26.77
C ALA A 246 -7.10 1.71 -25.40
N ASN A 247 -6.53 0.95 -24.46
CA ASN A 247 -6.38 1.39 -23.09
C ASN A 247 -5.39 2.56 -23.00
N TRP A 248 -4.25 2.40 -23.68
CA TRP A 248 -3.23 3.43 -23.75
C TRP A 248 -3.81 4.71 -24.35
N GLU A 249 -4.48 4.57 -25.50
CA GLU A 249 -5.12 5.71 -26.13
C GLU A 249 -6.01 6.47 -25.15
N ARG A 250 -6.84 5.74 -24.38
CA ARG A 250 -7.76 6.36 -23.44
C ARG A 250 -6.99 7.11 -22.36
N ASP A 251 -5.88 6.51 -21.87
CA ASP A 251 -5.24 6.96 -20.64
C ASP A 251 -4.28 8.11 -20.90
N PHE A 252 -3.58 8.06 -22.03
CA PHE A 252 -2.58 9.08 -22.32
C PHE A 252 -2.41 9.36 -23.81
N GLY A 253 -2.66 8.37 -24.66
CA GLY A 253 -2.35 8.49 -26.08
C GLY A 253 -3.04 9.66 -26.78
N PHE A 254 -4.35 9.80 -26.54
CA PHE A 254 -5.18 10.84 -27.16
C PHE A 254 -4.55 12.23 -27.02
N MET A 255 -3.77 12.43 -25.95
CA MET A 255 -3.17 13.72 -25.66
C MET A 255 -2.12 14.09 -26.72
N ALA A 256 -1.66 13.10 -27.51
CA ALA A 256 -0.65 13.28 -28.54
C ALA A 256 -1.21 14.04 -29.74
N ASP A 257 -2.55 13.99 -29.88
CA ASP A 257 -3.27 14.70 -30.92
C ASP A 257 -3.19 16.21 -30.73
N LYS A 258 -2.82 16.67 -29.54
CA LYS A 258 -3.07 18.04 -29.13
C LYS A 258 -1.81 18.73 -28.61
N TYR A 259 -1.06 18.03 -27.73
CA TYR A 259 0.28 18.43 -27.35
C TYR A 259 1.24 17.29 -27.69
N PRO A 260 2.57 17.55 -27.81
CA PRO A 260 3.54 16.46 -27.94
C PRO A 260 3.60 15.64 -26.64
N VAL A 261 3.81 14.33 -26.81
CA VAL A 261 3.91 13.42 -25.68
C VAL A 261 5.30 12.79 -25.68
N PHE A 262 5.96 12.84 -24.52
CA PHE A 262 7.29 12.31 -24.35
C PHE A 262 7.22 11.23 -23.26
N ALA A 263 7.25 9.97 -23.70
CA ALA A 263 7.21 8.85 -22.78
C ALA A 263 8.62 8.58 -22.24
N THR A 264 8.95 9.25 -21.13
CA THR A 264 10.33 9.38 -20.68
C THR A 264 10.81 8.16 -19.90
N GLU A 265 9.93 7.19 -19.67
CA GLU A 265 10.30 5.94 -19.01
C GLU A 265 9.43 4.81 -19.55
N ILE A 266 10.03 3.93 -20.36
CA ILE A 266 9.43 2.65 -20.68
C ILE A 266 10.49 1.56 -20.50
N GLY A 267 10.03 0.33 -20.26
CA GLY A 267 10.94 -0.81 -20.29
C GLY A 267 10.23 -2.11 -19.95
N TYR A 268 10.97 -3.22 -20.08
CA TYR A 268 10.43 -4.55 -19.87
C TYR A 268 11.57 -5.55 -19.70
N GLN A 269 11.25 -6.63 -18.99
CA GLN A 269 12.15 -7.78 -18.86
C GLN A 269 11.24 -8.99 -18.58
N LEU A 270 11.83 -10.18 -18.64
CA LEU A 270 11.15 -11.42 -18.26
C LEU A 270 11.04 -11.49 -16.74
N ALA A 271 10.17 -12.39 -16.23
CA ALA A 271 9.98 -12.58 -14.80
C ALA A 271 11.24 -13.16 -14.13
N SER A 272 12.04 -13.94 -14.90
CA SER A 272 13.24 -14.60 -14.39
C SER A 272 14.45 -13.68 -14.35
N ASP A 273 14.37 -12.52 -15.04
CA ASP A 273 15.47 -11.56 -15.13
C ASP A 273 15.62 -10.78 -13.82
N LYS A 274 16.77 -10.12 -13.68
CA LYS A 274 17.29 -9.65 -12.41
C LYS A 274 16.58 -8.38 -11.96
N GLY A 275 15.93 -8.46 -10.79
CA GLY A 275 15.26 -7.34 -10.17
C GLY A 275 13.83 -7.16 -10.70
N ALA A 276 13.32 -8.17 -11.43
CA ALA A 276 12.04 -8.09 -12.09
C ALA A 276 10.92 -7.89 -11.09
N HIS A 277 10.00 -6.99 -11.41
CA HIS A 277 8.96 -6.57 -10.48
C HIS A 277 7.81 -5.99 -11.28
N ILE A 278 6.61 -6.02 -10.71
CA ILE A 278 5.50 -5.29 -11.29
C ILE A 278 5.84 -3.81 -11.24
N PRO A 279 5.58 -2.98 -12.29
CA PRO A 279 4.76 -3.32 -13.45
C PRO A 279 5.51 -3.52 -14.76
N VAL A 280 6.67 -4.16 -14.66
CA VAL A 280 7.67 -4.09 -15.71
C VAL A 280 7.93 -5.47 -16.34
N ILE A 281 7.13 -6.46 -15.95
CA ILE A 281 7.31 -7.84 -16.37
C ILE A 281 6.48 -8.08 -17.63
N ASP A 282 7.03 -8.86 -18.57
CA ASP A 282 6.39 -9.13 -19.85
C ASP A 282 7.08 -10.30 -20.57
N ASP A 283 6.36 -10.91 -21.52
CA ASP A 283 6.89 -12.01 -22.30
C ASP A 283 7.89 -11.51 -23.34
N GLY A 284 7.80 -10.25 -23.76
CA GLY A 284 8.70 -9.70 -24.77
C GLY A 284 8.00 -8.93 -25.88
N SER A 285 6.68 -9.14 -26.00
CA SER A 285 5.89 -8.61 -27.11
C SER A 285 5.57 -7.12 -26.95
N TYR A 286 5.64 -6.63 -25.71
CA TYR A 286 5.36 -5.24 -25.37
C TYR A 286 6.31 -4.30 -26.10
N GLY A 287 7.57 -4.71 -26.25
CA GLY A 287 8.57 -3.89 -26.91
C GLY A 287 8.11 -3.43 -28.29
N PRO A 288 7.87 -4.35 -29.25
CA PRO A 288 7.32 -3.98 -30.56
C PRO A 288 5.97 -3.27 -30.49
N ARG A 289 5.13 -3.68 -29.52
CA ARG A 289 3.75 -3.21 -29.47
C ARG A 289 3.75 -1.71 -29.19
N ILE A 290 4.61 -1.31 -28.23
CA ILE A 290 4.67 0.05 -27.72
C ILE A 290 5.40 0.93 -28.73
N THR A 291 6.52 0.42 -29.27
CA THR A 291 7.27 1.08 -30.33
C THR A 291 6.35 1.43 -31.50
N ASP A 292 5.46 0.50 -31.86
CA ASP A 292 4.63 0.62 -33.05
C ASP A 292 3.45 1.55 -32.78
N TYR A 293 2.90 1.46 -31.56
CA TYR A 293 1.84 2.36 -31.13
C TYR A 293 2.35 3.81 -31.12
N PHE A 294 3.58 4.01 -30.63
CA PHE A 294 4.21 5.32 -30.55
C PHE A 294 4.59 5.84 -31.94
N ALA A 295 4.99 4.94 -32.86
CA ALA A 295 5.15 5.31 -34.25
C ALA A 295 3.81 5.79 -34.84
N LYS A 296 2.70 5.05 -34.60
CA LYS A 296 1.37 5.39 -35.12
C LYS A 296 0.95 6.79 -34.62
N LYS A 297 1.48 7.24 -33.47
CA LYS A 297 1.02 8.45 -32.77
C LYS A 297 2.02 9.62 -32.83
N GLY A 298 3.25 9.39 -33.29
CA GLY A 298 4.25 10.44 -33.35
C GLY A 298 4.85 10.80 -31.97
N ILE A 299 4.88 9.81 -31.07
CA ILE A 299 5.29 9.99 -29.69
C ILE A 299 6.77 9.69 -29.56
N SER A 300 7.51 10.64 -28.92
CA SER A 300 8.90 10.44 -28.50
C SER A 300 8.96 9.59 -27.23
N TRP A 301 10.09 8.89 -27.02
CA TRP A 301 10.19 7.93 -25.93
C TRP A 301 11.63 7.70 -25.46
N VAL A 302 11.75 7.22 -24.22
CA VAL A 302 13.04 6.99 -23.58
C VAL A 302 13.01 5.67 -22.82
N ALA A 303 13.81 4.71 -23.27
CA ALA A 303 13.88 3.41 -22.64
C ALA A 303 14.59 3.50 -21.30
N TRP A 304 14.18 2.64 -20.35
CA TRP A 304 14.73 2.64 -19.00
C TRP A 304 15.57 1.40 -18.75
N VAL A 305 16.83 1.62 -19.11
CA VAL A 305 17.93 2.08 -18.27
C VAL A 305 19.20 1.42 -18.77
N PHE A 306 20.14 2.29 -19.10
CA PHE A 306 21.44 1.93 -19.62
C PHE A 306 22.34 1.62 -18.44
N ASP A 307 22.02 0.53 -17.74
CA ASP A 307 22.74 0.15 -16.55
C ASP A 307 22.56 -1.35 -16.36
N PRO A 308 23.61 -2.09 -15.93
CA PRO A 308 23.49 -3.52 -15.69
C PRO A 308 22.87 -3.92 -14.35
N ASP A 309 22.73 -2.94 -13.44
CA ASP A 309 22.28 -3.22 -12.07
C ASP A 309 20.81 -2.85 -11.92
N TRP A 310 20.46 -1.59 -12.22
CA TRP A 310 19.09 -1.11 -12.03
C TRP A 310 18.13 -1.81 -13.00
N SER A 311 16.92 -2.07 -12.48
CA SER A 311 15.91 -2.87 -13.15
C SER A 311 14.84 -1.98 -13.81
N PRO A 312 14.35 -2.31 -15.03
CA PRO A 312 14.97 -3.28 -15.92
C PRO A 312 16.22 -2.83 -16.68
N GLN A 313 17.17 -3.77 -16.82
CA GLN A 313 18.45 -3.55 -17.48
C GLN A 313 18.32 -3.57 -19.00
N MET A 314 19.01 -2.63 -19.66
CA MET A 314 19.17 -2.62 -21.11
C MET A 314 20.48 -3.31 -21.51
N ILE A 315 21.40 -3.46 -20.55
CA ILE A 315 22.70 -4.11 -20.76
C ILE A 315 22.93 -5.13 -19.63
N LYS A 316 23.66 -6.20 -19.94
CA LYS A 316 23.76 -7.35 -19.05
C LYS A 316 24.93 -7.17 -18.07
N SER A 317 26.04 -6.61 -18.57
CA SER A 317 27.22 -6.34 -17.77
C SER A 317 27.82 -4.99 -18.23
N TRP A 318 29.03 -4.68 -17.75
CA TRP A 318 29.76 -3.53 -18.26
C TRP A 318 30.47 -3.86 -19.58
N ASP A 319 30.20 -5.05 -20.13
CA ASP A 319 30.64 -5.39 -21.47
C ASP A 319 29.62 -4.85 -22.46
N TYR A 320 28.55 -4.21 -21.96
CA TYR A 320 27.60 -3.45 -22.78
C TYR A 320 26.85 -4.31 -23.81
N GLU A 321 26.70 -5.61 -23.52
CA GLU A 321 25.91 -6.51 -24.34
C GLU A 321 24.44 -6.21 -24.10
N PRO A 322 23.59 -6.10 -25.15
CA PRO A 322 22.16 -5.85 -24.96
C PRO A 322 21.41 -7.00 -24.32
N THR A 323 20.51 -6.66 -23.39
CA THR A 323 19.44 -7.53 -22.92
C THR A 323 18.37 -7.61 -24.00
N MET A 324 17.27 -8.30 -23.70
CA MET A 324 16.22 -8.46 -24.68
C MET A 324 15.64 -7.10 -25.05
N GLN A 325 15.40 -6.24 -24.04
CA GLN A 325 14.78 -4.94 -24.28
C GLN A 325 15.79 -4.03 -24.98
N GLY A 326 17.07 -4.22 -24.63
CA GLY A 326 18.16 -3.48 -25.26
C GLY A 326 18.16 -3.69 -26.77
N GLU A 327 18.08 -4.97 -27.16
CA GLU A 327 18.03 -5.40 -28.55
C GLU A 327 16.98 -4.59 -29.32
N HIS A 328 15.74 -4.63 -28.81
CA HIS A 328 14.58 -4.11 -29.52
C HIS A 328 14.69 -2.60 -29.71
N PHE A 329 14.97 -1.90 -28.61
CA PHE A 329 15.00 -0.44 -28.65
C PHE A 329 16.17 0.01 -29.54
N ARG A 330 17.28 -0.75 -29.52
CA ARG A 330 18.43 -0.42 -30.34
C ARG A 330 18.05 -0.46 -31.81
N LYS A 331 17.41 -1.58 -32.20
CA LYS A 331 17.05 -1.84 -33.58
C LYS A 331 16.17 -0.69 -34.10
N VAL A 332 15.24 -0.22 -33.25
CA VAL A 332 14.30 0.83 -33.64
C VAL A 332 15.03 2.17 -33.71
N MET A 333 15.97 2.41 -32.78
CA MET A 333 16.65 3.69 -32.76
C MET A 333 17.56 3.79 -33.97
N LEU A 334 18.20 2.69 -34.35
CA LEU A 334 19.11 2.66 -35.51
C LEU A 334 18.32 2.86 -36.79
N LYS A 335 17.16 2.21 -36.90
CA LYS A 335 16.34 2.31 -38.09
C LYS A 335 15.79 3.73 -38.27
N GLU A 336 15.27 4.36 -37.20
CA GLU A 336 14.44 5.55 -37.36
C GLU A 336 15.18 6.86 -37.05
N ASN A 337 16.36 6.85 -36.44
CA ASN A 337 16.98 8.11 -36.04
C ASN A 337 18.04 8.52 -37.08
N LYS A 338 19.08 9.24 -36.61
CA LYS A 338 20.34 9.55 -37.30
C LYS A 338 20.20 9.33 -38.81
N SER B 9 19.07 9.87 12.79
CA SER B 9 18.46 9.82 11.44
C SER B 9 16.98 10.22 11.52
N GLY B 10 16.68 11.36 10.89
CA GLY B 10 15.35 11.95 10.87
C GLY B 10 14.42 11.32 9.82
N TRP B 11 13.22 11.89 9.70
CA TRP B 11 12.09 11.22 9.05
C TRP B 11 12.28 11.03 7.55
N TRP B 12 13.20 11.78 6.93
CA TRP B 12 13.37 11.75 5.48
C TRP B 12 14.62 10.98 5.07
N ASN B 13 15.35 10.37 6.04
CA ASN B 13 16.60 9.66 5.73
C ASN B 13 16.53 8.22 6.28
N ALA B 14 16.56 7.98 7.59
CA ALA B 14 16.45 6.60 8.08
C ALA B 14 15.23 6.00 7.39
N GLY B 15 15.46 4.94 6.61
CA GLY B 15 14.49 4.46 5.62
C GLY B 15 14.10 3.00 5.83
N ASP B 16 15.09 2.09 5.66
CA ASP B 16 14.91 0.65 5.84
C ASP B 16 14.85 0.34 7.34
N VAL B 17 13.61 0.21 7.86
CA VAL B 17 13.32 0.03 9.28
C VAL B 17 12.73 -1.36 9.50
N PRO B 18 13.27 -2.22 10.40
CA PRO B 18 12.77 -3.59 10.51
C PRO B 18 11.28 -3.54 10.87
N ALA B 19 10.49 -4.55 10.44
CA ALA B 19 9.08 -4.60 10.77
C ALA B 19 8.91 -4.87 12.27
N PHE B 20 7.66 -4.82 12.72
CA PHE B 20 7.36 -5.11 14.11
C PHE B 20 7.30 -6.63 14.31
N ASP B 21 8.03 -7.12 15.33
CA ASP B 21 8.02 -8.52 15.70
C ASP B 21 6.76 -8.86 16.50
N LYS B 22 5.82 -9.53 15.82
CA LYS B 22 4.55 -9.95 16.39
C LYS B 22 4.66 -11.32 17.09
N ARG B 23 5.87 -11.93 17.12
CA ARG B 23 6.19 -13.09 17.96
C ARG B 23 6.15 -12.69 19.45
N GLN B 24 6.27 -11.39 19.75
CA GLN B 24 6.26 -10.88 21.12
C GLN B 24 4.83 -10.87 21.69
N LEU B 25 3.80 -11.06 20.84
CA LEU B 25 2.40 -10.93 21.22
C LEU B 25 1.73 -12.30 21.33
N SER B 26 0.82 -12.44 22.28
CA SER B 26 0.20 -13.74 22.52
C SER B 26 -1.33 -13.61 22.48
N ARG B 27 -1.84 -12.42 22.16
CA ARG B 27 -3.17 -12.07 22.64
C ARG B 27 -3.76 -11.03 21.70
N GLN B 28 -5.02 -11.21 21.28
CA GLN B 28 -5.71 -10.22 20.44
C GLN B 28 -6.97 -9.71 21.12
N LEU B 29 -6.98 -8.42 21.49
CA LEU B 29 -8.15 -7.83 22.14
C LEU B 29 -9.25 -7.62 21.08
N PRO B 30 -10.54 -7.56 21.50
CA PRO B 30 -11.62 -7.33 20.55
C PRO B 30 -11.39 -6.07 19.70
N LEU B 31 -11.76 -6.16 18.42
CA LEU B 31 -11.73 -5.00 17.54
C LEU B 31 -12.77 -3.97 17.97
N ILE B 32 -12.33 -2.73 18.13
CA ILE B 32 -13.24 -1.62 18.38
C ILE B 32 -13.54 -0.87 17.08
N ARG B 33 -14.79 -0.39 16.92
CA ARG B 33 -15.19 0.46 15.81
C ARG B 33 -16.11 1.58 16.31
N VAL B 34 -16.27 2.62 15.50
CA VAL B 34 -17.24 3.67 15.78
C VAL B 34 -18.56 3.30 15.10
N ASP B 35 -19.59 3.11 15.93
CA ASP B 35 -20.95 3.00 15.46
C ASP B 35 -21.72 4.25 15.92
N GLY B 36 -22.03 5.13 14.96
CA GLY B 36 -22.72 6.37 15.23
C GLY B 36 -21.95 7.22 16.24
N ASN B 37 -22.50 7.26 17.48
CA ASN B 37 -22.07 8.19 18.52
C ASN B 37 -21.43 7.45 19.70
N ARG B 38 -21.11 6.15 19.52
CA ARG B 38 -20.37 5.41 20.54
C ARG B 38 -19.37 4.43 19.90
N PHE B 39 -18.47 3.91 20.73
CA PHE B 39 -17.55 2.85 20.35
C PHE B 39 -18.23 1.52 20.66
N VAL B 40 -18.04 0.50 19.80
CA VAL B 40 -18.56 -0.84 20.08
C VAL B 40 -17.54 -1.91 19.70
N ASP B 41 -17.78 -3.14 20.19
CA ASP B 41 -16.95 -4.30 19.88
C ASP B 41 -17.54 -5.11 18.71
N GLU B 42 -17.19 -6.41 18.61
CA GLU B 42 -17.70 -7.28 17.54
C GLU B 42 -19.18 -7.53 17.75
N GLN B 43 -19.61 -7.67 19.01
CA GLN B 43 -21.00 -8.00 19.34
C GLN B 43 -21.89 -6.76 19.22
N GLY B 44 -21.30 -5.57 19.20
CA GLY B 44 -22.08 -4.34 19.14
C GLY B 44 -22.44 -3.84 20.54
N ASN B 45 -21.65 -4.26 21.55
CA ASN B 45 -21.74 -3.71 22.89
C ASN B 45 -20.98 -2.39 23.00
N VAL B 46 -21.61 -1.41 23.69
CA VAL B 46 -20.97 -0.12 23.90
C VAL B 46 -19.72 -0.30 24.75
N GLN B 47 -18.68 0.45 24.39
CA GLN B 47 -17.41 0.43 25.08
C GLN B 47 -17.09 1.86 25.51
N ILE B 48 -16.68 1.94 26.78
CA ILE B 48 -16.25 3.19 27.37
C ILE B 48 -14.85 3.00 27.94
N PHE B 49 -13.91 3.86 27.52
CA PHE B 49 -12.53 3.73 27.93
C PHE B 49 -12.23 4.76 29.00
N ARG B 50 -11.48 4.30 30.01
CA ARG B 50 -11.11 5.08 31.17
C ARG B 50 -9.69 4.64 31.54
N GLY B 51 -8.72 5.54 31.31
CA GLY B 51 -7.32 5.17 31.40
C GLY B 51 -6.44 6.34 31.81
N VAL B 52 -5.15 6.24 31.43
CA VAL B 52 -4.12 7.21 31.79
C VAL B 52 -3.16 7.41 30.64
N SER B 53 -2.57 8.61 30.58
CA SER B 53 -1.35 8.86 29.82
C SER B 53 -0.13 8.47 30.65
N ILE B 54 0.78 7.71 30.04
CA ILE B 54 2.15 7.63 30.51
C ILE B 54 2.88 8.90 30.09
N SER B 55 4.04 9.14 30.70
CA SER B 55 5.00 10.09 30.17
C SER B 55 5.61 9.50 28.90
N ASP B 56 6.32 10.34 28.14
CA ASP B 56 6.92 9.91 26.89
C ASP B 56 7.81 8.70 27.19
N PRO B 57 7.68 7.57 26.46
CA PRO B 57 8.64 6.48 26.60
C PRO B 57 10.11 6.90 26.68
N ASN B 58 10.48 7.96 25.95
CA ASN B 58 11.82 8.53 25.98
C ASN B 58 12.20 8.99 27.39
N LYS B 59 11.28 9.67 28.09
CA LYS B 59 11.50 10.04 29.47
C LYS B 59 11.65 8.79 30.35
N LEU B 60 10.65 7.91 30.29
CA LEU B 60 10.63 6.68 31.07
C LEU B 60 11.94 5.90 30.96
N ALA B 61 12.52 5.82 29.75
CA ALA B 61 13.73 5.05 29.51
C ALA B 61 14.94 5.71 30.19
N LYS B 62 15.00 7.05 30.16
CA LYS B 62 16.02 7.80 30.87
C LYS B 62 15.85 7.72 32.38
N ASP B 63 14.58 7.70 32.83
CA ASP B 63 14.28 7.62 34.25
C ASP B 63 14.50 6.20 34.75
N GLN B 64 14.75 5.27 33.82
CA GLN B 64 15.09 3.89 34.15
C GLN B 64 13.86 3.13 34.67
N HIS B 65 12.67 3.55 34.22
CA HIS B 65 11.42 2.93 34.63
C HIS B 65 10.57 2.52 33.42
N PHE B 66 11.23 2.37 32.26
CA PHE B 66 10.58 1.80 31.10
C PHE B 66 10.66 0.28 31.19
N ASN B 67 9.88 -0.31 32.11
CA ASN B 67 9.92 -1.74 32.41
C ASN B 67 8.49 -2.26 32.54
N LYS B 68 8.36 -3.59 32.62
CA LYS B 68 7.06 -4.23 32.71
C LYS B 68 6.34 -3.87 34.01
N LYS B 69 7.11 -3.67 35.09
CA LYS B 69 6.54 -3.41 36.40
C LYS B 69 5.70 -2.13 36.36
N HIS B 70 6.16 -1.15 35.58
CA HIS B 70 5.51 0.15 35.45
C HIS B 70 4.11 -0.02 34.89
N PHE B 71 3.99 -0.88 33.87
CA PHE B 71 2.74 -1.11 33.18
C PHE B 71 1.84 -2.01 34.00
N ASP B 72 2.46 -2.98 34.72
CA ASP B 72 1.75 -3.86 35.63
C ASP B 72 0.95 -3.04 36.65
N VAL B 73 1.58 -1.98 37.18
CA VAL B 73 0.91 -1.12 38.13
C VAL B 73 -0.28 -0.42 37.45
N ILE B 74 -0.02 0.21 36.31
CA ILE B 74 -1.06 0.95 35.60
C ILE B 74 -2.27 0.04 35.47
N ARG B 75 -2.02 -1.22 35.07
CA ARG B 75 -3.09 -2.19 34.88
C ARG B 75 -3.83 -2.42 36.20
N SER B 76 -3.08 -2.46 37.30
CA SER B 76 -3.62 -2.76 38.61
C SER B 76 -4.48 -1.61 39.14
N TRP B 77 -4.44 -0.43 38.48
CA TRP B 77 -5.36 0.66 38.84
C TRP B 77 -6.70 0.55 38.09
N GLY B 78 -6.89 -0.52 37.29
CA GLY B 78 -8.14 -0.77 36.62
C GLY B 78 -8.17 -0.20 35.19
N THR B 79 -7.03 0.39 34.78
CA THR B 79 -6.85 1.07 33.51
C THR B 79 -7.18 0.16 32.34
N ASN B 80 -7.99 0.61 31.37
CA ASN B 80 -8.31 -0.19 30.20
C ASN B 80 -7.76 0.46 28.91
N VAL B 81 -7.05 1.57 29.06
CA VAL B 81 -6.45 2.21 27.91
C VAL B 81 -5.27 3.06 28.39
N VAL B 82 -4.19 3.02 27.60
CA VAL B 82 -2.98 3.75 27.91
C VAL B 82 -2.67 4.66 26.72
N ARG B 83 -2.47 5.96 27.01
CA ARG B 83 -2.14 6.94 25.99
C ARG B 83 -0.63 7.16 25.99
N ILE B 84 -0.04 7.15 24.78
CA ILE B 84 1.40 7.23 24.62
C ILE B 84 1.76 8.55 23.96
N PRO B 85 2.21 9.57 24.73
CA PRO B 85 2.51 10.88 24.16
C PRO B 85 3.89 10.96 23.53
N VAL B 86 3.94 10.66 22.23
CA VAL B 86 5.14 10.78 21.43
C VAL B 86 5.45 12.24 21.12
N HIS B 87 6.39 12.82 21.87
CA HIS B 87 6.88 14.16 21.58
C HIS B 87 7.73 14.12 20.31
N PRO B 88 7.46 15.01 19.32
CA PRO B 88 8.30 15.07 18.13
C PRO B 88 9.79 15.30 18.40
N SER B 89 10.12 16.06 19.46
CA SER B 89 11.53 16.28 19.79
C SER B 89 12.23 14.98 20.23
N ALA B 90 11.45 14.08 20.86
CA ALA B 90 11.93 12.77 21.32
C ALA B 90 12.05 11.78 20.16
N TRP B 91 11.07 11.83 19.26
CA TRP B 91 11.12 11.16 17.96
C TRP B 91 12.44 11.50 17.26
N ARG B 92 12.84 12.77 17.33
CA ARG B 92 14.08 13.21 16.72
C ARG B 92 15.30 12.79 17.54
N GLU B 93 15.21 12.87 18.86
CA GLU B 93 16.34 12.55 19.70
C GLU B 93 16.74 11.09 19.53
N ARG B 94 15.77 10.15 19.55
CA ARG B 94 16.05 8.72 19.43
C ARG B 94 16.22 8.31 17.96
N GLY B 95 15.73 9.16 17.05
CA GLY B 95 15.58 8.77 15.65
C GLY B 95 14.42 7.79 15.45
N VAL B 96 14.08 7.58 14.19
CA VAL B 96 12.89 6.80 13.84
C VAL B 96 13.03 5.39 14.42
N LYS B 97 14.11 4.72 14.02
CA LYS B 97 14.31 3.33 14.33
C LYS B 97 14.30 3.12 15.84
N GLY B 98 15.01 3.99 16.56
CA GLY B 98 15.18 3.90 18.00
C GLY B 98 13.90 4.19 18.78
N TYR B 99 13.06 5.09 18.24
CA TYR B 99 11.81 5.41 18.89
C TYR B 99 10.80 4.28 18.71
N LEU B 100 10.79 3.65 17.54
CA LEU B 100 9.81 2.62 17.29
C LEU B 100 10.11 1.40 18.16
N GLU B 101 11.39 1.16 18.44
CA GLU B 101 11.77 0.12 19.39
C GLU B 101 11.09 0.37 20.74
N LEU B 102 11.10 1.62 21.23
CA LEU B 102 10.41 1.96 22.47
C LEU B 102 8.90 1.76 22.33
N LEU B 103 8.35 2.28 21.22
CA LEU B 103 6.91 2.36 21.05
C LEU B 103 6.34 0.94 20.93
N ASP B 104 7.00 0.10 20.13
CA ASP B 104 6.74 -1.32 20.05
C ASP B 104 6.60 -1.96 21.42
N GLN B 105 7.61 -1.72 22.28
CA GLN B 105 7.70 -2.42 23.55
C GLN B 105 6.52 -1.99 24.41
N ALA B 106 6.20 -0.68 24.39
CA ALA B 106 5.12 -0.14 25.18
C ALA B 106 3.79 -0.78 24.77
N ILE B 107 3.55 -0.77 23.45
CA ILE B 107 2.37 -1.39 22.87
C ILE B 107 2.28 -2.87 23.25
N THR B 108 3.45 -3.55 23.28
CA THR B 108 3.52 -4.97 23.61
C THR B 108 3.02 -5.19 25.04
N TRP B 109 3.55 -4.42 25.99
CA TRP B 109 3.13 -4.51 27.38
C TRP B 109 1.65 -4.19 27.54
N ASN B 110 1.21 -3.07 26.94
CA ASN B 110 -0.20 -2.69 26.93
C ASN B 110 -1.05 -3.87 26.46
N ASN B 111 -0.77 -4.40 25.26
CA ASN B 111 -1.51 -5.49 24.65
C ASN B 111 -1.63 -6.67 25.59
N GLU B 112 -0.48 -7.14 26.12
CA GLU B 112 -0.42 -8.36 26.92
C GLU B 112 -1.19 -8.17 28.22
N LEU B 113 -1.24 -6.95 28.76
CA LEU B 113 -1.98 -6.69 29.99
C LEU B 113 -3.45 -6.41 29.72
N GLY B 114 -3.89 -6.58 28.46
CA GLY B 114 -5.28 -6.39 28.09
C GLY B 114 -5.67 -4.90 28.04
N MET B 115 -4.71 -4.02 27.67
CA MET B 115 -4.96 -2.59 27.64
C MET B 115 -4.88 -2.08 26.20
N TYR B 116 -5.89 -1.28 25.83
CA TYR B 116 -5.88 -0.63 24.53
C TYR B 116 -4.87 0.52 24.56
N THR B 117 -4.47 0.93 23.36
CA THR B 117 -3.37 1.88 23.20
C THR B 117 -3.90 3.04 22.37
N ILE B 118 -3.68 4.27 22.86
CA ILE B 118 -3.78 5.44 22.00
C ILE B 118 -2.37 5.90 21.63
N ILE B 119 -2.15 6.08 20.33
CA ILE B 119 -0.93 6.73 19.83
C ILE B 119 -1.21 8.22 19.67
N ASP B 120 -0.50 9.03 20.45
CA ASP B 120 -0.70 10.46 20.53
C ASP B 120 0.53 11.14 19.95
N TRP B 121 0.36 11.85 18.83
CA TRP B 121 1.45 12.67 18.30
C TRP B 121 1.42 13.96 19.11
N HIS B 122 2.26 14.01 20.16
CA HIS B 122 2.06 14.96 21.24
C HIS B 122 2.70 16.30 20.88
N SER B 123 2.01 17.07 20.01
CA SER B 123 2.46 18.42 19.69
C SER B 123 1.48 19.41 20.32
N MET B 124 1.74 20.70 20.10
CA MET B 124 0.93 21.73 20.70
C MET B 124 1.18 23.06 19.97
N GLY B 125 0.13 23.53 19.29
CA GLY B 125 0.13 24.80 18.59
C GLY B 125 -0.53 24.68 17.22
N ASN B 126 0.11 25.35 16.27
CA ASN B 126 -0.46 25.58 14.95
C ASN B 126 0.46 24.91 13.94
N LEU B 127 0.07 23.71 13.50
CA LEU B 127 0.87 22.93 12.55
C LEU B 127 0.99 23.65 11.21
N LYS B 128 -0.13 24.23 10.74
CA LYS B 128 -0.17 24.81 9.40
C LYS B 128 0.90 25.89 9.27
N SER B 129 1.09 26.70 10.31
CA SER B 129 1.97 27.86 10.26
C SER B 129 3.33 27.53 10.90
N GLU B 130 3.44 26.34 11.49
CA GLU B 130 4.69 25.82 12.08
C GLU B 130 5.12 26.69 13.25
N MET B 131 4.13 26.97 14.11
CA MET B 131 4.36 27.70 15.34
C MET B 131 3.83 26.87 16.51
N PHE B 132 4.74 26.58 17.46
CA PHE B 132 4.46 25.64 18.54
C PHE B 132 4.73 26.32 19.87
N GLN B 133 4.07 25.79 20.92
CA GLN B 133 4.12 26.35 22.27
C GLN B 133 5.57 26.47 22.75
N ASN B 134 6.40 25.49 22.38
CA ASN B 134 7.84 25.56 22.62
C ASN B 134 8.48 24.37 21.89
N SER B 135 9.81 24.32 22.02
CA SER B 135 10.68 23.58 21.10
C SER B 135 10.42 22.08 21.13
N MET B 136 9.93 21.57 22.28
CA MET B 136 9.84 20.13 22.46
C MET B 136 8.62 19.58 21.72
N TYR B 137 7.73 20.48 21.26
CA TYR B 137 6.54 20.13 20.48
C TYR B 137 6.71 20.42 18.98
N HIS B 138 7.87 20.99 18.61
CA HIS B 138 8.10 21.45 17.26
C HIS B 138 8.01 20.29 16.26
N THR B 139 7.30 20.48 15.14
CA THR B 139 7.19 19.47 14.08
C THR B 139 6.82 20.17 12.77
N SER B 140 6.60 19.36 11.72
CA SER B 140 6.19 19.86 10.42
C SER B 140 5.10 18.95 9.88
N LYS B 141 4.40 19.48 8.87
CA LYS B 141 3.40 18.71 8.15
C LYS B 141 4.05 17.42 7.62
N GLY B 142 5.25 17.56 7.03
CA GLY B 142 5.94 16.41 6.46
C GLY B 142 6.21 15.32 7.50
N GLU B 143 6.81 15.75 8.62
CA GLU B 143 7.20 14.86 9.71
C GLU B 143 5.97 14.16 10.27
N THR B 144 4.91 14.96 10.45
CA THR B 144 3.68 14.50 11.05
C THR B 144 3.05 13.41 10.19
N PHE B 145 2.93 13.70 8.88
CA PHE B 145 2.38 12.73 7.94
C PHE B 145 3.27 11.49 7.88
N ASP B 146 4.58 11.68 7.86
CA ASP B 146 5.48 10.56 7.83
C ASP B 146 5.27 9.65 9.04
N PHE B 147 5.17 10.27 10.22
CA PHE B 147 4.95 9.52 11.44
C PHE B 147 3.71 8.61 11.32
N TRP B 148 2.59 9.19 10.85
CA TRP B 148 1.34 8.46 10.81
C TRP B 148 1.37 7.34 9.75
N ARG B 149 2.10 7.58 8.65
CA ARG B 149 2.35 6.56 7.65
C ARG B 149 3.06 5.34 8.27
N ARG B 150 4.11 5.61 9.06
CA ARG B 150 4.89 4.52 9.62
C ARG B 150 4.07 3.72 10.63
N VAL B 151 3.46 4.42 11.60
CA VAL B 151 2.84 3.72 12.72
C VAL B 151 1.56 3.02 12.25
N SER B 152 0.76 3.70 11.42
CA SER B 152 -0.48 3.11 10.96
C SER B 152 -0.22 1.75 10.32
N GLU B 153 0.82 1.65 9.49
CA GLU B 153 1.19 0.40 8.82
C GLU B 153 1.77 -0.60 9.82
N ARG B 154 2.72 -0.13 10.64
CA ARG B 154 3.48 -0.99 11.51
C ARG B 154 2.54 -1.81 12.42
N TYR B 155 1.48 -1.16 12.93
CA TYR B 155 0.61 -1.74 13.94
C TYR B 155 -0.73 -2.15 13.34
N ASN B 156 -0.78 -2.24 12.01
CA ASN B 156 -1.95 -2.72 11.32
C ASN B 156 -2.22 -4.15 11.73
N GLY B 157 -3.48 -4.40 12.10
CA GLY B 157 -3.98 -5.73 12.40
C GLY B 157 -3.97 -6.02 13.90
N ILE B 158 -3.54 -5.04 14.71
CA ILE B 158 -3.44 -5.21 16.15
C ILE B 158 -4.54 -4.39 16.81
N ASN B 159 -5.64 -5.09 17.15
CA ASN B 159 -6.84 -4.45 17.64
C ASN B 159 -6.54 -3.60 18.87
N SER B 160 -5.65 -4.09 19.76
CA SER B 160 -5.12 -3.34 20.90
C SER B 160 -4.85 -1.88 20.55
N VAL B 161 -4.16 -1.67 19.42
CA VAL B 161 -3.74 -0.36 18.96
C VAL B 161 -4.87 0.21 18.10
N ALA B 162 -5.89 0.74 18.77
CA ALA B 162 -7.19 1.03 18.20
C ALA B 162 -7.30 2.50 17.77
N PHE B 163 -6.58 3.39 18.46
CA PHE B 163 -6.83 4.83 18.42
C PHE B 163 -5.58 5.60 18.00
N TYR B 164 -5.74 6.46 16.99
CA TYR B 164 -4.64 7.23 16.42
C TYR B 164 -5.00 8.70 16.61
N GLU B 165 -4.37 9.35 17.60
CA GLU B 165 -4.72 10.71 17.98
C GLU B 165 -3.81 11.67 17.23
N ILE B 166 -4.39 12.43 16.29
CA ILE B 166 -3.65 13.07 15.21
C ILE B 166 -2.71 14.15 15.72
N PHE B 167 -3.21 15.00 16.62
CA PHE B 167 -2.44 16.11 17.13
C PHE B 167 -2.96 16.54 18.50
N ASN B 168 -2.11 16.37 19.52
CA ASN B 168 -2.48 16.50 20.93
C ASN B 168 -3.38 17.73 21.12
N GLU B 169 -2.78 18.93 21.05
CA GLU B 169 -3.45 20.18 21.43
C GLU B 169 -3.20 21.22 20.33
N PRO B 170 -4.15 21.39 19.37
CA PRO B 170 -4.13 22.55 18.47
C PRO B 170 -4.48 23.82 19.25
N THR B 171 -3.75 24.89 18.94
CA THR B 171 -4.02 26.21 19.50
C THR B 171 -3.34 27.28 18.65
N VAL B 172 -3.93 28.49 18.63
CA VAL B 172 -3.29 29.68 18.07
C VAL B 172 -2.83 30.64 19.18
N PHE B 173 -3.27 30.38 20.42
CA PHE B 173 -2.81 31.16 21.56
C PHE B 173 -3.15 32.63 21.34
N SER B 174 -4.39 32.88 20.88
CA SER B 174 -4.89 34.22 20.61
C SER B 174 -4.07 34.95 19.54
N GLY B 175 -3.39 34.22 18.65
CA GLY B 175 -2.60 34.86 17.60
C GLY B 175 -1.09 34.77 17.82
N ARG B 176 -0.65 34.42 19.03
CA ARG B 176 0.78 34.31 19.30
C ARG B 176 1.39 33.25 18.37
N LEU B 177 0.60 32.21 18.06
CA LEU B 177 1.02 31.14 17.15
C LEU B 177 0.28 31.22 15.82
N GLY B 178 -0.07 32.45 15.40
CA GLY B 178 -0.53 32.70 14.05
C GLY B 178 -2.02 32.40 13.84
N ILE B 179 -2.35 32.04 12.58
CA ILE B 179 -3.71 31.90 12.06
C ILE B 179 -3.88 30.53 11.42
N VAL B 180 -5.08 29.97 11.61
CA VAL B 180 -5.51 28.75 10.97
C VAL B 180 -7.03 28.60 11.18
N SER B 181 -7.79 28.39 10.10
CA SER B 181 -9.25 28.23 10.21
C SER B 181 -9.56 26.77 10.52
N TRP B 182 -10.73 26.53 11.12
CA TRP B 182 -11.20 25.16 11.30
C TRP B 182 -11.23 24.41 9.96
N ALA B 183 -11.63 25.12 8.89
CA ALA B 183 -11.71 24.52 7.57
C ALA B 183 -10.34 24.00 7.13
N GLU B 184 -9.28 24.79 7.38
CA GLU B 184 -7.92 24.41 6.99
C GLU B 184 -7.44 23.20 7.78
N TRP B 185 -7.81 23.16 9.07
CA TRP B 185 -7.41 22.09 9.98
C TRP B 185 -8.14 20.79 9.65
N LYS B 186 -9.43 20.90 9.34
CA LYS B 186 -10.22 19.78 8.84
C LYS B 186 -9.53 19.09 7.66
N ALA B 187 -8.99 19.90 6.73
CA ALA B 187 -8.32 19.39 5.53
C ALA B 187 -7.08 18.58 5.90
N ILE B 188 -6.33 19.09 6.88
CA ILE B 188 -5.13 18.44 7.35
C ILE B 188 -5.47 17.12 8.03
N ASN B 189 -6.47 17.13 8.93
CA ASN B 189 -6.89 15.88 9.57
C ASN B 189 -7.38 14.89 8.51
N GLU B 190 -8.09 15.37 7.48
CA GLU B 190 -8.60 14.50 6.45
C GLU B 190 -7.45 13.78 5.74
N GLU B 191 -6.36 14.51 5.46
CA GLU B 191 -5.21 13.91 4.78
C GLU B 191 -4.55 12.88 5.69
N ALA B 192 -4.37 13.24 6.97
CA ALA B 192 -3.76 12.32 7.92
C ALA B 192 -4.54 11.02 7.97
N ILE B 193 -5.87 11.14 8.01
CA ILE B 193 -6.76 10.00 8.20
C ILE B 193 -6.75 9.12 6.94
N THR B 194 -6.69 9.75 5.76
CA THR B 194 -6.59 9.03 4.51
C THR B 194 -5.33 8.15 4.50
N ILE B 195 -4.23 8.71 5.05
CA ILE B 195 -2.94 8.04 5.10
C ILE B 195 -3.06 6.83 6.02
N ILE B 196 -3.57 7.08 7.23
CA ILE B 196 -3.79 6.04 8.21
C ILE B 196 -4.67 4.94 7.64
N GLN B 197 -5.81 5.32 7.02
CA GLN B 197 -6.81 4.34 6.61
C GLN B 197 -6.27 3.53 5.42
N ALA B 198 -5.37 4.11 4.64
CA ALA B 198 -4.81 3.44 3.47
C ALA B 198 -3.88 2.31 3.92
N HIS B 199 -3.26 2.50 5.08
CA HIS B 199 -2.30 1.56 5.64
C HIS B 199 -2.99 0.61 6.62
N ASN B 200 -4.11 1.04 7.22
CA ASN B 200 -4.71 0.40 8.38
C ASN B 200 -6.23 0.60 8.34
N PRO B 201 -6.95 -0.23 7.58
CA PRO B 201 -8.40 0.00 7.39
C PRO B 201 -9.23 0.05 8.67
N ASN B 202 -8.72 -0.46 9.81
CA ASN B 202 -9.55 -0.64 11.00
C ASN B 202 -9.28 0.43 12.07
N ALA B 203 -8.40 1.38 11.75
CA ALA B 203 -7.94 2.39 12.69
C ALA B 203 -9.04 3.43 12.95
N ILE B 204 -9.19 3.76 14.24
CA ILE B 204 -9.98 4.89 14.70
C ILE B 204 -9.07 6.10 14.86
N SER B 205 -9.51 7.25 14.34
CA SER B 205 -8.73 8.48 14.37
C SER B 205 -9.38 9.45 15.36
N LEU B 206 -8.57 10.11 16.22
CA LEU B 206 -9.08 11.05 17.21
C LEU B 206 -8.68 12.46 16.83
N VAL B 207 -9.70 13.32 16.62
CA VAL B 207 -9.50 14.64 16.03
C VAL B 207 -9.88 15.70 17.06
N ALA B 208 -9.11 16.80 17.10
CA ALA B 208 -9.24 17.83 18.12
C ALA B 208 -9.51 19.21 17.49
N GLY B 209 -10.17 20.10 18.25
CA GLY B 209 -10.35 21.48 17.86
C GLY B 209 -9.36 22.41 18.57
N PHE B 210 -9.63 23.71 18.54
CA PHE B 210 -8.69 24.69 19.03
C PHE B 210 -8.99 25.04 20.49
N ASN B 211 -8.26 26.05 21.00
CA ASN B 211 -8.26 26.40 22.40
C ASN B 211 -7.70 25.22 23.20
N TRP B 212 -6.59 24.64 22.67
CA TRP B 212 -5.88 23.54 23.28
C TRP B 212 -6.81 22.32 23.36
N ALA B 213 -7.35 21.94 22.20
CA ALA B 213 -8.18 20.76 22.04
C ALA B 213 -9.37 20.80 22.98
N TYR B 214 -10.03 21.95 23.09
CA TYR B 214 -11.16 22.12 24.00
C TYR B 214 -12.46 22.27 23.21
N ASP B 215 -12.47 23.09 22.15
CA ASP B 215 -13.71 23.46 21.48
C ASP B 215 -14.07 22.44 20.38
N LEU B 216 -15.37 22.08 20.33
CA LEU B 216 -15.88 21.20 19.28
C LEU B 216 -17.06 21.84 18.54
N ARG B 217 -17.28 23.14 18.76
CA ARG B 217 -18.40 23.81 18.12
C ARG B 217 -18.12 24.05 16.65
N GLU B 218 -16.87 24.41 16.30
CA GLU B 218 -16.51 24.55 14.90
C GLU B 218 -16.56 23.20 14.19
N ALA B 219 -16.14 22.13 14.90
CA ALA B 219 -16.10 20.80 14.32
C ALA B 219 -17.50 20.30 14.00
N ALA B 220 -18.39 20.47 14.99
CA ALA B 220 -19.79 20.12 14.84
C ALA B 220 -20.39 20.76 13.60
N ALA B 221 -20.03 22.01 13.31
CA ALA B 221 -20.63 22.75 12.20
C ALA B 221 -20.06 22.31 10.86
N ASN B 222 -18.90 21.65 10.84
CA ASN B 222 -18.21 21.37 9.59
C ASN B 222 -17.36 20.12 9.76
N PRO B 223 -17.98 18.96 10.02
CA PRO B 223 -17.25 17.80 10.51
C PRO B 223 -16.29 17.18 9.50
N ILE B 224 -15.35 16.41 10.06
CA ILE B 224 -14.41 15.60 9.30
C ILE B 224 -15.21 14.63 8.45
N GLU B 225 -14.98 14.64 7.14
CA GLU B 225 -15.70 13.76 6.23
C GLU B 225 -14.93 12.46 6.06
N ARG B 226 -14.87 11.66 7.14
CA ARG B 226 -14.25 10.34 7.10
C ARG B 226 -14.94 9.46 8.14
N ASN B 227 -14.84 8.13 7.98
CA ASN B 227 -15.42 7.20 8.94
C ASN B 227 -14.41 6.84 10.01
N ASN B 228 -14.91 6.24 11.10
CA ASN B 228 -14.07 5.87 12.23
C ASN B 228 -13.32 7.09 12.74
N VAL B 229 -14.10 8.12 13.10
CA VAL B 229 -13.59 9.34 13.70
C VAL B 229 -14.33 9.54 15.03
N ALA B 230 -13.56 9.90 16.06
CA ALA B 230 -14.09 10.46 17.30
C ALA B 230 -13.40 11.78 17.56
N TYR B 231 -14.02 12.63 18.38
CA TYR B 231 -13.55 13.98 18.61
C TYR B 231 -13.05 14.09 20.06
N VAL B 232 -12.06 14.97 20.25
CA VAL B 232 -11.32 15.12 21.49
C VAL B 232 -11.67 16.45 22.15
N SER B 233 -11.67 16.46 23.48
CA SER B 233 -11.65 17.67 24.28
C SER B 233 -10.81 17.48 25.54
N HIS B 234 -10.16 18.56 25.97
CA HIS B 234 -9.31 18.57 27.15
C HIS B 234 -9.86 19.62 28.13
N PRO B 235 -11.02 19.35 28.78
CA PRO B 235 -11.61 20.27 29.75
C PRO B 235 -10.96 20.28 31.13
N TYR B 236 -9.85 21.02 31.25
CA TYR B 236 -9.15 21.20 32.51
C TYR B 236 -10.05 21.98 33.48
N PRO B 237 -9.79 21.89 34.79
CA PRO B 237 -10.59 22.60 35.80
C PRO B 237 -10.90 24.07 35.49
N GLN B 238 -9.89 24.78 34.98
CA GLN B 238 -9.96 26.23 34.92
C GLN B 238 -10.13 26.67 33.47
N LYS B 239 -10.56 25.77 32.59
CA LYS B 239 -10.87 26.15 31.22
C LYS B 239 -12.08 27.07 31.19
N VAL B 240 -13.07 26.72 32.03
CA VAL B 240 -14.23 27.56 32.28
C VAL B 240 -14.50 27.56 33.78
N GLY B 241 -15.30 28.53 34.23
CA GLY B 241 -15.79 28.57 35.60
C GLY B 241 -17.18 27.95 35.72
N ALA B 242 -17.81 28.11 36.89
CA ALA B 242 -19.19 27.71 37.09
C ALA B 242 -20.11 28.59 36.24
N PRO B 243 -21.29 28.08 35.79
CA PRO B 243 -21.71 26.69 36.06
C PRO B 243 -21.04 25.70 35.10
N TYR B 244 -20.34 24.69 35.67
CA TYR B 244 -19.41 23.85 34.93
C TYR B 244 -20.10 23.05 33.82
N GLN B 245 -21.14 22.30 34.19
CA GLN B 245 -21.77 21.31 33.35
C GLN B 245 -22.40 21.98 32.12
N ALA B 246 -23.07 23.10 32.38
CA ALA B 246 -23.70 23.87 31.33
C ALA B 246 -22.64 24.32 30.32
N ASN B 247 -21.52 24.86 30.84
CA ASN B 247 -20.47 25.41 30.02
C ASN B 247 -19.80 24.32 29.18
N TRP B 248 -19.49 23.20 29.84
CA TRP B 248 -18.90 22.04 29.18
C TRP B 248 -19.83 21.53 28.07
N GLU B 249 -21.09 21.32 28.41
CA GLU B 249 -22.08 20.88 27.44
C GLU B 249 -22.07 21.78 26.20
N ARG B 250 -22.04 23.10 26.43
CA ARG B 250 -22.07 24.06 25.34
C ARG B 250 -20.82 23.92 24.46
N ASP B 251 -19.66 23.74 25.10
CA ASP B 251 -18.37 23.90 24.44
C ASP B 251 -17.93 22.61 23.73
N PHE B 252 -18.25 21.45 24.31
CA PHE B 252 -17.81 20.20 23.71
C PHE B 252 -18.79 19.05 23.98
N GLY B 253 -19.50 19.07 25.13
CA GLY B 253 -20.28 17.93 25.56
C GLY B 253 -21.34 17.48 24.55
N PHE B 254 -22.11 18.44 24.02
CA PHE B 254 -23.19 18.19 23.08
C PHE B 254 -22.76 17.29 21.92
N MET B 255 -21.46 17.34 21.57
CA MET B 255 -20.91 16.59 20.45
C MET B 255 -20.94 15.09 20.73
N ALA B 256 -21.12 14.69 22.00
CA ALA B 256 -21.15 13.29 22.40
C ALA B 256 -22.46 12.63 21.98
N ASP B 257 -23.48 13.46 21.76
CA ASP B 257 -24.80 13.01 21.32
C ASP B 257 -24.73 12.49 19.88
N LYS B 258 -23.66 12.78 19.15
CA LYS B 258 -23.66 12.63 17.70
C LYS B 258 -22.46 11.83 17.20
N TYR B 259 -21.25 12.13 17.73
CA TYR B 259 -20.07 11.30 17.56
C TYR B 259 -19.55 10.91 18.94
N PRO B 260 -18.70 9.86 19.06
CA PRO B 260 -18.05 9.56 20.34
C PRO B 260 -17.01 10.62 20.66
N VAL B 261 -16.89 10.92 21.96
CA VAL B 261 -15.95 11.93 22.45
C VAL B 261 -14.98 11.24 23.41
N PHE B 262 -13.69 11.51 23.17
CA PHE B 262 -12.62 10.92 23.95
C PHE B 262 -11.81 12.08 24.57
N ALA B 263 -12.02 12.30 25.87
CA ALA B 263 -11.29 13.34 26.60
C ALA B 263 -9.91 12.82 27.00
N THR B 264 -8.93 13.01 26.12
CA THR B 264 -7.67 12.28 26.18
C THR B 264 -6.68 12.93 27.15
N GLU B 265 -7.05 14.08 27.73
CA GLU B 265 -6.23 14.74 28.74
C GLU B 265 -7.13 15.48 29.73
N ILE B 266 -7.24 14.94 30.94
CA ILE B 266 -7.82 15.65 32.07
C ILE B 266 -6.92 15.45 33.29
N GLY B 267 -7.02 16.38 34.25
CA GLY B 267 -6.22 16.30 35.46
C GLY B 267 -6.34 17.55 36.34
N TYR B 268 -5.86 17.42 37.59
CA TYR B 268 -5.98 18.45 38.60
C TYR B 268 -5.01 18.21 39.75
N GLN B 269 -4.66 19.29 40.44
CA GLN B 269 -3.89 19.25 41.67
C GLN B 269 -4.23 20.54 42.43
N LEU B 270 -3.81 20.63 43.71
CA LEU B 270 -3.91 21.86 44.49
C LEU B 270 -2.91 22.90 44.01
N ALA B 271 -3.08 24.15 44.44
CA ALA B 271 -2.19 25.26 44.10
C ALA B 271 -0.78 25.08 44.69
N SER B 272 -0.72 24.41 45.85
CA SER B 272 0.52 24.20 46.60
C SER B 272 1.34 23.02 46.07
N ASP B 273 0.72 22.16 45.22
CA ASP B 273 1.33 20.94 44.72
C ASP B 273 2.37 21.26 43.65
N LYS B 274 3.17 20.23 43.32
CA LYS B 274 4.41 20.39 42.57
C LYS B 274 4.16 20.60 41.09
N GLY B 275 4.59 21.76 40.59
CA GLY B 275 4.50 22.13 39.18
C GLY B 275 3.13 22.74 38.84
N ALA B 276 2.35 23.09 39.87
CA ALA B 276 0.98 23.56 39.70
C ALA B 276 0.95 24.84 38.88
N HIS B 277 -0.01 24.92 37.97
CA HIS B 277 -0.10 26.01 37.02
C HIS B 277 -1.52 26.05 36.44
N ILE B 278 -1.95 27.23 36.02
CA ILE B 278 -3.18 27.32 35.25
C ILE B 278 -2.99 26.52 33.95
N PRO B 279 -3.97 25.71 33.46
CA PRO B 279 -5.37 25.69 33.92
C PRO B 279 -5.79 24.46 34.72
N VAL B 280 -4.88 23.99 35.58
CA VAL B 280 -4.93 22.64 36.09
C VAL B 280 -5.11 22.64 37.63
N ILE B 281 -5.31 23.84 38.20
CA ILE B 281 -5.41 24.01 39.64
C ILE B 281 -6.88 23.91 40.03
N ASP B 282 -7.13 23.30 41.21
CA ASP B 282 -8.49 23.11 41.71
C ASP B 282 -8.46 22.74 43.18
N ASP B 283 -9.62 22.86 43.85
CA ASP B 283 -9.77 22.48 45.24
C ASP B 283 -9.83 20.96 45.40
N GLY B 284 -10.23 20.23 44.34
CA GLY B 284 -10.31 18.77 44.40
C GLY B 284 -11.66 18.21 43.92
N SER B 285 -12.66 19.10 43.81
CA SER B 285 -14.05 18.73 43.51
C SER B 285 -14.25 18.44 42.02
N TYR B 286 -13.36 18.98 41.18
CA TYR B 286 -13.41 18.82 39.74
C TYR B 286 -13.34 17.35 39.35
N GLY B 287 -12.56 16.56 40.11
CA GLY B 287 -12.39 15.15 39.81
C GLY B 287 -13.73 14.42 39.73
N PRO B 288 -14.51 14.37 40.83
CA PRO B 288 -15.85 13.77 40.79
C PRO B 288 -16.79 14.46 39.81
N ARG B 289 -16.66 15.79 39.65
CA ARG B 289 -17.61 16.56 38.86
C ARG B 289 -17.51 16.12 37.39
N ILE B 290 -16.27 15.97 36.92
CA ILE B 290 -15.97 15.67 35.53
C ILE B 290 -16.24 14.20 35.25
N THR B 291 -15.82 13.34 36.17
CA THR B 291 -16.08 11.91 36.12
C THR B 291 -17.58 11.65 35.96
N ASP B 292 -18.39 12.42 36.71
CA ASP B 292 -19.83 12.19 36.80
C ASP B 292 -20.53 12.75 35.58
N TYR B 293 -20.05 13.92 35.10
CA TYR B 293 -20.55 14.51 33.87
C TYR B 293 -20.29 13.57 32.68
N PHE B 294 -19.09 12.96 32.64
CA PHE B 294 -18.70 12.04 31.59
C PHE B 294 -19.48 10.72 31.68
N ALA B 295 -19.76 10.26 32.92
CA ALA B 295 -20.68 9.14 33.11
C ALA B 295 -22.07 9.47 32.55
N LYS B 296 -22.63 10.67 32.86
CA LYS B 296 -23.96 11.10 32.39
C LYS B 296 -24.00 11.09 30.85
N LYS B 297 -22.85 11.28 30.17
CA LYS B 297 -22.78 11.50 28.74
C LYS B 297 -22.23 10.31 27.96
N GLY B 298 -21.63 9.30 28.63
CA GLY B 298 -21.05 8.16 27.94
C GLY B 298 -19.70 8.50 27.26
N ILE B 299 -18.97 9.46 27.86
CA ILE B 299 -17.70 9.94 27.31
C ILE B 299 -16.54 9.15 27.89
N SER B 300 -15.65 8.67 27.01
CA SER B 300 -14.37 8.05 27.39
C SER B 300 -13.34 9.13 27.77
N TRP B 301 -12.35 8.76 28.62
CA TRP B 301 -11.42 9.74 29.15
C TRP B 301 -10.07 9.13 29.55
N VAL B 302 -9.05 10.00 29.61
CA VAL B 302 -7.69 9.61 29.93
C VAL B 302 -7.08 10.63 30.88
N ALA B 303 -6.76 10.20 32.09
CA ALA B 303 -6.19 11.07 33.11
C ALA B 303 -4.75 11.40 32.75
N TRP B 304 -4.31 12.61 33.16
CA TRP B 304 -2.97 13.08 32.82
C TRP B 304 -2.12 13.18 34.08
N VAL B 305 -1.52 12.01 34.33
CA VAL B 305 -0.20 11.59 33.88
C VAL B 305 0.37 10.70 34.96
N PHE B 306 0.74 9.50 34.52
CA PHE B 306 1.30 8.49 35.38
C PHE B 306 2.80 8.71 35.45
N ASP B 307 3.17 9.81 36.11
CA ASP B 307 4.56 10.19 36.24
C ASP B 307 4.68 11.03 37.52
N PRO B 308 5.75 10.86 38.30
CA PRO B 308 5.94 11.68 39.50
C PRO B 308 6.51 13.09 39.26
N ASP B 309 7.00 13.36 38.05
CA ASP B 309 7.67 14.62 37.74
C ASP B 309 6.73 15.56 36.98
N TRP B 310 6.15 15.09 35.87
CA TRP B 310 5.30 15.91 35.02
C TRP B 310 4.00 16.27 35.71
N SER B 311 3.55 17.51 35.49
CA SER B 311 2.44 18.12 36.20
C SER B 311 1.18 18.10 35.35
N PRO B 312 -0.01 17.81 35.94
CA PRO B 312 -0.16 17.24 37.29
C PRO B 312 0.15 15.74 37.42
N GLN B 313 0.77 15.39 38.54
CA GLN B 313 1.18 14.04 38.85
C GLN B 313 0.00 13.20 39.37
N MET B 314 -0.08 11.96 38.90
CA MET B 314 -1.02 10.97 39.42
C MET B 314 -0.36 10.11 40.50
N ILE B 315 0.98 10.13 40.54
CA ILE B 315 1.79 9.39 41.52
C ILE B 315 2.83 10.33 42.13
N LYS B 316 3.20 10.06 43.39
CA LYS B 316 4.03 10.99 44.15
C LYS B 316 5.52 10.69 43.93
N SER B 317 5.85 9.39 43.84
CA SER B 317 7.23 8.96 43.62
C SER B 317 7.21 7.75 42.68
N TRP B 318 8.35 7.09 42.53
CA TRP B 318 8.42 5.82 41.83
C TRP B 318 7.96 4.66 42.73
N ASP B 319 7.49 4.97 43.95
CA ASP B 319 6.86 3.99 44.81
C ASP B 319 5.39 3.88 44.43
N TYR B 320 4.96 4.69 43.44
CA TYR B 320 3.67 4.54 42.77
C TYR B 320 2.49 4.80 43.71
N GLU B 321 2.69 5.61 44.75
CA GLU B 321 1.58 5.96 45.64
C GLU B 321 0.73 7.03 44.94
N PRO B 322 -0.61 6.91 44.95
CA PRO B 322 -1.47 7.92 44.35
C PRO B 322 -1.45 9.29 45.02
N THR B 323 -1.44 10.32 44.18
CA THR B 323 -1.78 11.69 44.55
C THR B 323 -3.31 11.78 44.71
N MET B 324 -3.80 13.00 44.95
CA MET B 324 -5.22 13.19 45.16
C MET B 324 -5.99 12.78 43.90
N GLN B 325 -5.50 13.20 42.73
CA GLN B 325 -6.18 12.92 41.47
C GLN B 325 -6.03 11.43 41.16
N GLY B 326 -4.88 10.84 41.53
CA GLY B 326 -4.63 9.43 41.34
C GLY B 326 -5.70 8.60 42.05
N GLU B 327 -5.96 8.94 43.32
CA GLU B 327 -6.96 8.29 44.14
C GLU B 327 -8.29 8.19 43.40
N HIS B 328 -8.78 9.36 42.96
CA HIS B 328 -10.11 9.48 42.39
C HIS B 328 -10.25 8.67 41.10
N PHE B 329 -9.30 8.86 40.17
CA PHE B 329 -9.38 8.21 38.88
C PHE B 329 -9.24 6.70 39.04
N ARG B 330 -8.43 6.26 40.02
CA ARG B 330 -8.26 4.85 40.27
C ARG B 330 -9.60 4.24 40.69
N LYS B 331 -10.25 4.90 41.66
CA LYS B 331 -11.49 4.42 42.25
C LYS B 331 -12.53 4.22 41.16
N VAL B 332 -12.58 5.16 40.20
CA VAL B 332 -13.55 5.14 39.12
C VAL B 332 -13.19 4.05 38.13
N MET B 333 -11.89 3.87 37.85
CA MET B 333 -11.48 2.91 36.85
C MET B 333 -11.76 1.50 37.37
N LEU B 334 -11.51 1.29 38.67
CA LEU B 334 -11.71 -0.03 39.30
C LEU B 334 -13.19 -0.36 39.33
N LYS B 335 -14.01 0.63 39.69
CA LYS B 335 -15.44 0.42 39.82
C LYS B 335 -16.10 0.13 38.46
N GLU B 336 -15.73 0.86 37.39
CA GLU B 336 -16.53 0.87 36.17
C GLU B 336 -15.92 0.02 35.04
N ASN B 337 -14.62 -0.27 35.06
CA ASN B 337 -14.00 -1.09 34.01
C ASN B 337 -14.07 -2.55 34.49
N SER C 9 -2.87 -40.00 -24.97
CA SER C 9 -3.49 -38.65 -24.79
C SER C 9 -3.32 -38.10 -23.37
N GLY C 10 -2.51 -38.76 -22.51
CA GLY C 10 -1.95 -38.18 -21.28
C GLY C 10 -0.82 -37.17 -21.54
N TRP C 11 -0.21 -36.63 -20.46
CA TRP C 11 0.48 -35.34 -20.54
C TRP C 11 1.76 -35.36 -21.39
N TRP C 12 2.32 -36.55 -21.63
CA TRP C 12 3.59 -36.70 -22.31
C TRP C 12 3.41 -37.22 -23.74
N ASN C 13 2.16 -37.30 -24.25
CA ASN C 13 1.89 -37.61 -25.65
C ASN C 13 1.09 -36.51 -26.33
N ALA C 14 -0.23 -36.46 -26.12
CA ALA C 14 -1.06 -35.59 -26.96
C ALA C 14 -0.45 -34.21 -26.87
N GLY C 15 0.02 -33.66 -28.01
CA GLY C 15 0.93 -32.53 -28.03
C GLY C 15 0.34 -31.31 -28.73
N ASP C 16 -0.04 -31.50 -30.02
CA ASP C 16 -0.69 -30.48 -30.83
C ASP C 16 -2.14 -30.31 -30.36
N VAL C 17 -2.36 -29.26 -29.53
CA VAL C 17 -3.63 -28.93 -28.91
C VAL C 17 -4.13 -27.60 -29.49
N PRO C 18 -5.37 -27.51 -30.05
CA PRO C 18 -5.83 -26.25 -30.68
C PRO C 18 -5.75 -25.12 -29.66
N ALA C 19 -5.49 -23.88 -30.11
CA ALA C 19 -5.45 -22.74 -29.20
C ALA C 19 -6.85 -22.47 -28.63
N PHE C 20 -6.93 -21.60 -27.63
CA PHE C 20 -8.22 -21.17 -27.13
C PHE C 20 -8.76 -20.04 -28.00
N ASP C 21 -10.00 -20.19 -28.49
CA ASP C 21 -10.65 -19.17 -29.29
C ASP C 21 -11.21 -18.06 -28.38
N LYS C 22 -10.51 -16.91 -28.38
CA LYS C 22 -10.91 -15.73 -27.61
C LYS C 22 -11.87 -14.81 -28.39
N ARG C 23 -12.27 -15.23 -29.61
CA ARG C 23 -13.39 -14.62 -30.33
C ARG C 23 -14.71 -14.93 -29.61
N GLN C 24 -14.74 -15.95 -28.75
CA GLN C 24 -15.92 -16.32 -27.98
C GLN C 24 -16.18 -15.33 -26.83
N LEU C 25 -15.20 -14.47 -26.52
CA LEU C 25 -15.24 -13.61 -25.32
C LEU C 25 -15.54 -12.17 -25.71
N SER C 26 -16.42 -11.55 -24.92
CA SER C 26 -16.95 -10.24 -25.27
C SER C 26 -16.68 -9.23 -24.17
N ARG C 27 -15.88 -9.63 -23.19
CA ARG C 27 -15.84 -8.94 -21.93
C ARG C 27 -14.43 -9.12 -21.36
N GLN C 28 -13.80 -8.00 -20.94
CA GLN C 28 -12.53 -8.04 -20.24
C GLN C 28 -12.65 -7.41 -18.86
N LEU C 29 -12.55 -8.24 -17.81
CA LEU C 29 -12.67 -7.76 -16.44
C LEU C 29 -11.39 -7.02 -16.06
N PRO C 30 -11.43 -6.13 -15.04
CA PRO C 30 -10.25 -5.41 -14.59
C PRO C 30 -9.07 -6.33 -14.30
N LEU C 31 -7.86 -5.92 -14.69
CA LEU C 31 -6.65 -6.65 -14.35
C LEU C 31 -6.37 -6.56 -12.86
N ILE C 32 -6.25 -7.72 -12.19
CA ILE C 32 -5.96 -7.78 -10.77
C ILE C 32 -4.46 -8.04 -10.58
N ARG C 33 -3.88 -7.45 -9.52
CA ARG C 33 -2.49 -7.63 -9.16
C ARG C 33 -2.39 -7.70 -7.62
N VAL C 34 -1.26 -8.22 -7.14
CA VAL C 34 -0.91 -8.12 -5.73
C VAL C 34 -0.08 -6.85 -5.56
N ASP C 35 -0.61 -5.91 -4.77
CA ASP C 35 0.21 -4.87 -4.17
C ASP C 35 0.33 -5.13 -2.67
N GLY C 36 1.55 -5.48 -2.25
CA GLY C 36 1.85 -5.67 -0.84
C GLY C 36 0.99 -6.80 -0.27
N ASN C 37 0.00 -6.40 0.54
CA ASN C 37 -0.78 -7.31 1.36
C ASN C 37 -2.25 -7.33 0.93
N ARG C 38 -2.57 -6.75 -0.23
CA ARG C 38 -3.93 -6.85 -0.75
C ARG C 38 -3.96 -6.99 -2.28
N PHE C 39 -5.12 -7.41 -2.79
CA PHE C 39 -5.36 -7.47 -4.22
C PHE C 39 -5.93 -6.14 -4.65
N VAL C 40 -5.51 -5.64 -5.83
CA VAL C 40 -5.92 -4.33 -6.30
C VAL C 40 -6.13 -4.37 -7.81
N ASP C 41 -6.81 -3.35 -8.34
CA ASP C 41 -7.00 -3.21 -9.79
C ASP C 41 -5.90 -2.31 -10.39
N GLU C 42 -6.16 -1.72 -11.54
CA GLU C 42 -5.20 -0.87 -12.22
C GLU C 42 -5.03 0.44 -11.44
N GLN C 43 -6.13 0.92 -10.84
CA GLN C 43 -6.12 2.20 -10.12
C GLN C 43 -5.54 2.02 -8.72
N GLY C 44 -5.44 0.79 -8.23
CA GLY C 44 -4.89 0.54 -6.91
C GLY C 44 -5.96 0.49 -5.83
N ASN C 45 -7.20 0.23 -6.25
CA ASN C 45 -8.32 0.02 -5.34
C ASN C 45 -8.35 -1.42 -4.84
N VAL C 46 -8.57 -1.59 -3.53
CA VAL C 46 -8.63 -2.90 -2.93
C VAL C 46 -9.81 -3.70 -3.50
N GLN C 47 -9.57 -4.98 -3.78
CA GLN C 47 -10.56 -5.94 -4.28
C GLN C 47 -10.57 -7.16 -3.35
N ILE C 48 -11.78 -7.63 -3.03
CA ILE C 48 -11.95 -8.77 -2.13
C ILE C 48 -12.87 -9.75 -2.82
N PHE C 49 -12.45 -11.01 -2.93
CA PHE C 49 -13.22 -12.02 -3.64
C PHE C 49 -13.94 -12.93 -2.66
N ARG C 50 -15.20 -13.23 -2.99
CA ARG C 50 -16.07 -14.07 -2.19
C ARG C 50 -16.89 -14.91 -3.16
N GLY C 51 -16.61 -16.22 -3.21
CA GLY C 51 -17.12 -17.07 -4.27
C GLY C 51 -17.32 -18.51 -3.81
N VAL C 52 -17.33 -19.41 -4.81
CA VAL C 52 -17.60 -20.83 -4.59
C VAL C 52 -16.71 -21.69 -5.48
N SER C 53 -16.41 -22.91 -5.00
CA SER C 53 -15.91 -23.98 -5.85
C SER C 53 -17.10 -24.69 -6.51
N ILE C 54 -17.02 -24.89 -7.83
CA ILE C 54 -17.83 -25.89 -8.50
C ILE C 54 -17.19 -27.25 -8.24
N SER C 55 -17.94 -28.31 -8.53
CA SER C 55 -17.37 -29.65 -8.65
C SER C 55 -16.55 -29.71 -9.94
N ASP C 56 -15.76 -30.78 -10.09
CA ASP C 56 -14.92 -30.94 -11.26
C ASP C 56 -15.80 -30.86 -12.49
N PRO C 57 -15.48 -30.02 -13.49
CA PRO C 57 -16.19 -30.06 -14.77
C PRO C 57 -16.48 -31.46 -15.31
N ASN C 58 -15.55 -32.41 -15.10
CA ASN C 58 -15.72 -33.80 -15.50
C ASN C 58 -16.97 -34.40 -14.86
N LYS C 59 -17.16 -34.17 -13.55
CA LYS C 59 -18.35 -34.64 -12.86
C LYS C 59 -19.59 -33.97 -13.47
N LEU C 60 -19.59 -32.63 -13.48
CA LEU C 60 -20.70 -31.84 -14.01
C LEU C 60 -21.16 -32.33 -15.37
N ALA C 61 -20.23 -32.68 -16.26
CA ALA C 61 -20.56 -33.08 -17.63
C ALA C 61 -21.26 -34.44 -17.63
N LYS C 62 -20.80 -35.37 -16.78
CA LYS C 62 -21.43 -36.66 -16.60
C LYS C 62 -22.79 -36.54 -15.92
N ASP C 63 -22.89 -35.61 -14.97
CA ASP C 63 -24.12 -35.39 -14.24
C ASP C 63 -25.11 -34.62 -15.13
N GLN C 64 -24.67 -34.20 -16.32
CA GLN C 64 -25.57 -33.60 -17.31
C GLN C 64 -25.89 -32.15 -16.90
N HIS C 65 -25.02 -31.51 -16.10
CA HIS C 65 -25.28 -30.16 -15.58
C HIS C 65 -24.13 -29.22 -15.87
N PHE C 66 -23.33 -29.59 -16.88
CA PHE C 66 -22.31 -28.70 -17.38
C PHE C 66 -22.95 -27.80 -18.44
N ASN C 67 -23.75 -26.84 -17.98
CA ASN C 67 -24.53 -25.96 -18.85
C ASN C 67 -24.45 -24.54 -18.32
N LYS C 68 -24.94 -23.59 -19.13
CA LYS C 68 -24.91 -22.17 -18.79
C LYS C 68 -25.81 -21.88 -17.59
N LYS C 69 -26.92 -22.62 -17.45
CA LYS C 69 -27.90 -22.39 -16.39
C LYS C 69 -27.20 -22.54 -15.04
N HIS C 70 -26.28 -23.50 -14.94
CA HIS C 70 -25.58 -23.84 -13.71
C HIS C 70 -24.77 -22.63 -13.23
N PHE C 71 -24.11 -21.98 -14.20
CA PHE C 71 -23.24 -20.86 -13.90
C PHE C 71 -24.08 -19.61 -13.65
N ASP C 72 -25.19 -19.47 -14.39
CA ASP C 72 -26.13 -18.38 -14.21
C ASP C 72 -26.60 -18.32 -12.76
N VAL C 73 -26.89 -19.49 -12.18
CA VAL C 73 -27.33 -19.55 -10.79
C VAL C 73 -26.21 -19.06 -9.87
N ILE C 74 -25.00 -19.62 -10.05
CA ILE C 74 -23.88 -19.27 -9.22
C ILE C 74 -23.76 -17.75 -9.18
N ARG C 75 -23.87 -17.13 -10.37
CA ARG C 75 -23.76 -15.69 -10.50
C ARG C 75 -24.85 -15.01 -9.67
N SER C 76 -26.06 -15.59 -9.71
CA SER C 76 -27.22 -15.01 -9.06
C SER C 76 -27.11 -15.07 -7.53
N TRP C 77 -26.14 -15.84 -7.00
CA TRP C 77 -25.90 -15.85 -5.56
C TRP C 77 -24.93 -14.73 -5.13
N GLY C 78 -24.51 -13.89 -6.08
CA GLY C 78 -23.67 -12.73 -5.80
C GLY C 78 -22.19 -13.04 -5.94
N THR C 79 -21.89 -14.28 -6.35
CA THR C 79 -20.55 -14.82 -6.53
C THR C 79 -19.71 -13.95 -7.48
N ASN C 80 -18.48 -13.59 -7.07
CA ASN C 80 -17.59 -12.81 -7.92
C ASN C 80 -16.34 -13.61 -8.31
N VAL C 81 -16.30 -14.89 -7.92
CA VAL C 81 -15.19 -15.76 -8.30
C VAL C 81 -15.63 -17.21 -8.20
N VAL C 82 -15.17 -18.00 -9.17
CA VAL C 82 -15.48 -19.41 -9.25
C VAL C 82 -14.19 -20.20 -9.29
N ARG C 83 -14.05 -21.17 -8.37
CA ARG C 83 -12.89 -22.05 -8.31
C ARG C 83 -13.19 -23.36 -9.03
N ILE C 84 -12.25 -23.78 -9.89
CA ILE C 84 -12.42 -24.94 -10.74
C ILE C 84 -11.45 -26.04 -10.29
N PRO C 85 -11.92 -27.07 -9.54
CA PRO C 85 -11.02 -28.10 -9.04
C PRO C 85 -10.76 -29.19 -10.06
N VAL C 86 -9.67 -29.01 -10.82
CA VAL C 86 -9.20 -29.98 -11.77
C VAL C 86 -8.51 -31.16 -11.08
N HIS C 87 -9.24 -32.27 -10.92
CA HIS C 87 -8.65 -33.49 -10.39
C HIS C 87 -7.69 -34.08 -11.42
N PRO C 88 -6.44 -34.41 -11.05
CA PRO C 88 -5.51 -35.06 -11.99
C PRO C 88 -6.04 -36.36 -12.60
N SER C 89 -6.85 -37.13 -11.86
CA SER C 89 -7.43 -38.36 -12.39
C SER C 89 -8.42 -38.07 -13.52
N ALA C 90 -9.12 -36.92 -13.44
CA ALA C 90 -10.08 -36.48 -14.44
C ALA C 90 -9.36 -35.89 -15.67
N TRP C 91 -8.28 -35.13 -15.42
CA TRP C 91 -7.32 -34.73 -16.43
C TRP C 91 -6.91 -35.93 -17.28
N ARG C 92 -6.65 -37.05 -16.60
CA ARG C 92 -6.20 -38.26 -17.26
C ARG C 92 -7.38 -38.96 -17.97
N GLU C 93 -8.53 -39.03 -17.30
CA GLU C 93 -9.69 -39.70 -17.86
C GLU C 93 -10.09 -39.04 -19.19
N ARG C 94 -10.19 -37.71 -19.25
CA ARG C 94 -10.64 -37.02 -20.47
C ARG C 94 -9.51 -36.83 -21.47
N GLY C 95 -8.26 -36.96 -20.97
CA GLY C 95 -7.10 -36.53 -21.73
C GLY C 95 -7.00 -35.00 -21.81
N VAL C 96 -5.83 -34.54 -22.22
CA VAL C 96 -5.53 -33.12 -22.24
C VAL C 96 -6.54 -32.40 -23.11
N LYS C 97 -6.65 -32.82 -24.37
CA LYS C 97 -7.45 -32.12 -25.36
C LYS C 97 -8.90 -32.01 -24.88
N GLY C 98 -9.44 -33.13 -24.39
CA GLY C 98 -10.83 -33.22 -23.97
C GLY C 98 -11.13 -32.44 -22.69
N TYR C 99 -10.13 -32.34 -21.80
CA TYR C 99 -10.30 -31.60 -20.57
C TYR C 99 -10.27 -30.09 -20.85
N LEU C 100 -9.41 -29.67 -21.76
CA LEU C 100 -9.29 -28.24 -22.01
C LEU C 100 -10.55 -27.71 -22.69
N GLU C 101 -11.18 -28.56 -23.49
CA GLU C 101 -12.49 -28.24 -24.06
C GLU C 101 -13.49 -27.91 -22.96
N LEU C 102 -13.53 -28.73 -21.89
CA LEU C 102 -14.36 -28.43 -20.73
C LEU C 102 -13.95 -27.13 -20.07
N LEU C 103 -12.65 -27.00 -19.83
CA LEU C 103 -12.12 -25.94 -18.98
C LEU C 103 -12.33 -24.59 -19.67
N ASP C 104 -12.02 -24.55 -20.98
CA ASP C 104 -12.37 -23.42 -21.84
C ASP C 104 -13.82 -22.94 -21.68
N GLN C 105 -14.76 -23.90 -21.77
CA GLN C 105 -16.18 -23.55 -21.78
C GLN C 105 -16.53 -22.96 -20.41
N ALA C 106 -16.00 -23.56 -19.33
CA ALA C 106 -16.27 -23.10 -17.97
C ALA C 106 -15.80 -21.66 -17.78
N ILE C 107 -14.54 -21.44 -18.18
CA ILE C 107 -13.92 -20.12 -18.14
C ILE C 107 -14.73 -19.12 -18.95
N THR C 108 -15.27 -19.57 -20.10
CA THR C 108 -16.05 -18.72 -20.98
C THR C 108 -17.30 -18.23 -20.23
N TRP C 109 -18.05 -19.17 -19.64
CA TRP C 109 -19.25 -18.83 -18.89
C TRP C 109 -18.91 -17.90 -17.71
N ASN C 110 -17.90 -18.27 -16.91
CA ASN C 110 -17.40 -17.43 -15.81
C ASN C 110 -17.14 -16.00 -16.30
N ASN C 111 -16.28 -15.85 -17.31
CA ASN C 111 -15.90 -14.57 -17.89
C ASN C 111 -17.13 -13.73 -18.25
N GLU C 112 -18.04 -14.32 -19.06
CA GLU C 112 -19.17 -13.60 -19.61
C GLU C 112 -20.12 -13.15 -18.49
N LEU C 113 -20.21 -13.90 -17.39
CA LEU C 113 -21.07 -13.53 -16.27
C LEU C 113 -20.37 -12.57 -15.31
N GLY C 114 -19.17 -12.12 -15.67
CA GLY C 114 -18.40 -11.17 -14.87
C GLY C 114 -17.80 -11.80 -13.61
N MET C 115 -17.41 -13.08 -13.72
CA MET C 115 -16.85 -13.81 -12.59
C MET C 115 -15.40 -14.17 -12.90
N TYR C 116 -14.55 -13.91 -11.89
CA TYR C 116 -13.16 -14.33 -11.96
C TYR C 116 -13.08 -15.84 -11.78
N THR C 117 -11.95 -16.37 -12.24
CA THR C 117 -11.74 -17.81 -12.28
C THR C 117 -10.47 -18.11 -11.47
N ILE C 118 -10.58 -19.08 -10.56
CA ILE C 118 -9.40 -19.72 -10.00
C ILE C 118 -9.25 -21.09 -10.64
N ILE C 119 -8.05 -21.37 -11.19
CA ILE C 119 -7.70 -22.70 -11.63
C ILE C 119 -6.98 -23.41 -10.48
N ASP C 120 -7.59 -24.50 -10.01
CA ASP C 120 -7.11 -25.27 -8.88
C ASP C 120 -6.67 -26.65 -9.38
N TRP C 121 -5.37 -26.95 -9.26
CA TRP C 121 -4.88 -28.29 -9.53
C TRP C 121 -5.19 -29.11 -8.29
N HIS C 122 -6.31 -29.83 -8.32
CA HIS C 122 -6.94 -30.31 -7.10
C HIS C 122 -6.33 -31.64 -6.68
N SER C 123 -5.12 -31.60 -6.10
CA SER C 123 -4.48 -32.78 -5.55
C SER C 123 -4.48 -32.68 -4.03
N MET C 124 -3.87 -33.66 -3.36
CA MET C 124 -3.86 -33.68 -1.91
C MET C 124 -2.78 -34.68 -1.43
N GLY C 125 -1.76 -34.13 -0.77
CA GLY C 125 -0.67 -34.90 -0.18
C GLY C 125 0.69 -34.27 -0.44
N ASN C 126 1.67 -35.15 -0.71
CA ASN C 126 3.08 -34.80 -0.77
C ASN C 126 3.56 -35.06 -2.19
N LEU C 127 3.63 -33.98 -2.99
CA LEU C 127 4.00 -34.12 -4.39
C LEU C 127 5.46 -34.61 -4.53
N LYS C 128 6.36 -34.09 -3.71
CA LYS C 128 7.78 -34.43 -3.84
C LYS C 128 7.98 -35.96 -3.80
N SER C 129 7.28 -36.64 -2.88
CA SER C 129 7.50 -38.05 -2.62
C SER C 129 6.49 -38.91 -3.39
N GLU C 130 5.52 -38.25 -4.03
CA GLU C 130 4.50 -38.89 -4.87
C GLU C 130 3.63 -39.80 -4.01
N MET C 131 3.22 -39.23 -2.86
CA MET C 131 2.32 -39.90 -1.94
C MET C 131 1.10 -39.00 -1.74
N PHE C 132 -0.08 -39.56 -2.09
CA PHE C 132 -1.32 -38.81 -2.12
C PHE C 132 -2.33 -39.48 -1.21
N GLN C 133 -3.31 -38.67 -0.75
CA GLN C 133 -4.37 -39.13 0.14
C GLN C 133 -5.10 -40.32 -0.48
N ASN C 134 -5.24 -40.30 -1.81
CA ASN C 134 -6.22 -41.12 -2.47
C ASN C 134 -5.90 -41.06 -3.96
N SER C 135 -6.25 -42.13 -4.69
CA SER C 135 -5.82 -42.34 -6.07
C SER C 135 -6.32 -41.26 -7.02
N MET C 136 -7.43 -40.58 -6.67
CA MET C 136 -8.07 -39.63 -7.57
C MET C 136 -7.31 -38.29 -7.57
N TYR C 137 -6.38 -38.15 -6.60
CA TYR C 137 -5.52 -36.97 -6.46
C TYR C 137 -4.09 -37.24 -6.97
N HIS C 138 -3.83 -38.48 -7.40
CA HIS C 138 -2.47 -38.91 -7.72
C HIS C 138 -1.92 -38.11 -8.89
N THR C 139 -0.67 -37.65 -8.80
CA THR C 139 -0.05 -36.90 -9.88
C THR C 139 1.48 -37.02 -9.76
N SER C 140 2.19 -36.31 -10.65
CA SER C 140 3.63 -36.24 -10.61
C SER C 140 4.08 -34.79 -10.81
N LYS C 141 5.33 -34.54 -10.44
CA LYS C 141 5.94 -33.24 -10.68
C LYS C 141 5.85 -32.90 -12.17
N GLY C 142 6.12 -33.89 -13.03
CA GLY C 142 6.08 -33.66 -14.46
C GLY C 142 4.70 -33.23 -14.94
N GLU C 143 3.66 -33.98 -14.51
CA GLU C 143 2.26 -33.76 -14.89
C GLU C 143 1.82 -32.39 -14.40
N THR C 144 2.21 -32.09 -13.16
CA THR C 144 1.83 -30.86 -12.50
C THR C 144 2.42 -29.66 -13.24
N PHE C 145 3.72 -29.72 -13.52
CA PHE C 145 4.37 -28.65 -14.27
C PHE C 145 3.77 -28.54 -15.66
N ASP C 146 3.52 -29.68 -16.32
CA ASP C 146 2.95 -29.67 -17.65
C ASP C 146 1.60 -28.96 -17.63
N PHE C 147 0.76 -29.30 -16.66
CA PHE C 147 -0.54 -28.67 -16.53
C PHE C 147 -0.42 -27.15 -16.46
N TRP C 148 0.49 -26.64 -15.61
CA TRP C 148 0.60 -25.20 -15.40
C TRP C 148 1.18 -24.50 -16.62
N ARG C 149 2.08 -25.18 -17.35
CA ARG C 149 2.56 -24.71 -18.64
C ARG C 149 1.39 -24.50 -19.62
N ARG C 150 0.50 -25.49 -19.73
CA ARG C 150 -0.54 -25.43 -20.73
C ARG C 150 -1.54 -24.32 -20.41
N VAL C 151 -2.03 -24.30 -19.16
CA VAL C 151 -3.10 -23.39 -18.80
C VAL C 151 -2.58 -21.96 -18.73
N SER C 152 -1.41 -21.76 -18.13
CA SER C 152 -0.86 -20.42 -18.00
C SER C 152 -0.79 -19.73 -19.37
N GLU C 153 -0.32 -20.46 -20.39
CA GLU C 153 -0.22 -19.92 -21.75
C GLU C 153 -1.61 -19.75 -22.37
N ARG C 154 -2.43 -20.80 -22.28
CA ARG C 154 -3.71 -20.84 -22.98
C ARG C 154 -4.58 -19.63 -22.59
N TYR C 155 -4.56 -19.25 -21.31
CA TYR C 155 -5.45 -18.24 -20.75
C TYR C 155 -4.69 -16.94 -20.48
N ASN C 156 -3.51 -16.82 -21.08
CA ASN C 156 -2.77 -15.58 -21.01
C ASN C 156 -3.56 -14.49 -21.75
N GLY C 157 -3.71 -13.34 -21.10
CA GLY C 157 -4.35 -12.18 -21.71
C GLY C 157 -5.80 -12.01 -21.25
N ILE C 158 -6.28 -12.94 -20.42
CA ILE C 158 -7.68 -12.96 -19.98
C ILE C 158 -7.72 -12.65 -18.48
N ASN C 159 -7.96 -11.38 -18.17
CA ASN C 159 -7.91 -10.90 -16.79
C ASN C 159 -8.86 -11.70 -15.89
N SER C 160 -10.03 -12.09 -16.42
CA SER C 160 -10.95 -13.00 -15.73
C SER C 160 -10.21 -14.15 -15.03
N VAL C 161 -9.28 -14.78 -15.77
CA VAL C 161 -8.53 -15.93 -15.28
C VAL C 161 -7.28 -15.41 -14.57
N ALA C 162 -7.49 -15.00 -13.31
CA ALA C 162 -6.54 -14.18 -12.57
C ALA C 162 -5.63 -15.02 -11.67
N PHE C 163 -6.15 -16.17 -11.20
CA PHE C 163 -5.59 -16.89 -10.07
C PHE C 163 -5.25 -18.34 -10.44
N TYR C 164 -4.02 -18.74 -10.12
CA TYR C 164 -3.50 -20.05 -10.46
C TYR C 164 -3.10 -20.71 -9.13
N GLU C 165 -3.96 -21.63 -8.66
CA GLU C 165 -3.77 -22.24 -7.36
C GLU C 165 -2.98 -23.55 -7.54
N ILE C 166 -1.73 -23.57 -7.05
CA ILE C 166 -0.72 -24.51 -7.48
C ILE C 166 -1.06 -25.94 -7.07
N PHE C 167 -1.48 -26.12 -5.81
CA PHE C 167 -1.70 -27.45 -5.27
C PHE C 167 -2.69 -27.37 -4.12
N ASN C 168 -3.88 -27.96 -4.33
CA ASN C 168 -5.03 -27.79 -3.45
C ASN C 168 -4.59 -27.85 -1.99
N GLU C 169 -4.27 -29.07 -1.52
CA GLU C 169 -4.02 -29.34 -0.11
C GLU C 169 -2.71 -30.14 0.02
N PRO C 170 -1.55 -29.48 0.28
CA PRO C 170 -0.34 -30.18 0.72
C PRO C 170 -0.52 -30.72 2.14
N THR C 171 -0.05 -31.97 2.33
CA THR C 171 -0.06 -32.62 3.64
C THR C 171 0.92 -33.80 3.62
N VAL C 172 1.49 -34.12 4.80
CA VAL C 172 2.28 -35.33 5.01
C VAL C 172 1.52 -36.32 5.88
N PHE C 173 0.38 -35.90 6.45
CA PHE C 173 -0.47 -36.77 7.22
C PHE C 173 0.33 -37.44 8.35
N SER C 174 1.11 -36.62 9.07
CA SER C 174 1.89 -37.07 10.22
C SER C 174 2.98 -38.07 9.81
N GLY C 175 3.40 -38.06 8.53
CA GLY C 175 4.44 -38.97 8.06
C GLY C 175 3.90 -40.14 7.22
N ARG C 176 2.58 -40.39 7.22
CA ARG C 176 2.01 -41.43 6.38
C ARG C 176 2.35 -41.18 4.90
N LEU C 177 2.42 -39.90 4.52
CA LEU C 177 2.77 -39.50 3.17
C LEU C 177 4.18 -38.91 3.10
N GLY C 178 5.07 -39.39 3.99
CA GLY C 178 6.49 -39.14 3.87
C GLY C 178 6.93 -37.79 4.44
N ILE C 179 8.05 -37.30 3.87
CA ILE C 179 8.75 -36.12 4.34
C ILE C 179 8.89 -35.11 3.20
N VAL C 180 8.69 -33.84 3.59
CA VAL C 180 8.95 -32.70 2.74
C VAL C 180 9.03 -31.47 3.63
N SER C 181 10.15 -30.74 3.54
CA SER C 181 10.34 -29.52 4.31
C SER C 181 9.65 -28.36 3.60
N TRP C 182 9.28 -27.33 4.39
CA TRP C 182 8.77 -26.11 3.79
C TRP C 182 9.76 -25.57 2.75
N ALA C 183 11.07 -25.66 3.07
CA ALA C 183 12.11 -25.17 2.16
C ALA C 183 12.03 -25.88 0.80
N GLU C 184 11.84 -27.20 0.81
CA GLU C 184 11.76 -28.00 -0.42
C GLU C 184 10.51 -27.65 -1.23
N TRP C 185 9.40 -27.40 -0.51
CA TRP C 185 8.11 -27.08 -1.12
C TRP C 185 8.15 -25.69 -1.75
N LYS C 186 8.76 -24.74 -1.04
CA LYS C 186 9.00 -23.39 -1.55
C LYS C 186 9.69 -23.46 -2.91
N ALA C 187 10.70 -24.32 -3.06
CA ALA C 187 11.47 -24.46 -4.29
C ALA C 187 10.59 -24.95 -5.44
N ILE C 188 9.71 -25.90 -5.12
CA ILE C 188 8.77 -26.45 -6.07
C ILE C 188 7.78 -25.37 -6.52
N ASN C 189 7.18 -24.64 -5.56
CA ASN C 189 6.25 -23.57 -5.93
C ASN C 189 6.97 -22.51 -6.77
N GLU C 190 8.25 -22.25 -6.45
CA GLU C 190 9.00 -21.26 -7.19
C GLU C 190 9.16 -21.70 -8.64
N GLU C 191 9.40 -22.99 -8.89
CA GLU C 191 9.53 -23.49 -10.25
C GLU C 191 8.19 -23.38 -10.99
N ALA C 192 7.10 -23.79 -10.31
CA ALA C 192 5.77 -23.71 -10.91
C ALA C 192 5.48 -22.29 -11.36
N ILE C 193 5.79 -21.33 -10.47
CA ILE C 193 5.45 -19.93 -10.67
C ILE C 193 6.31 -19.33 -11.79
N THR C 194 7.58 -19.75 -11.86
CA THR C 194 8.47 -19.36 -12.95
C THR C 194 7.90 -19.78 -14.30
N ILE C 195 7.32 -20.98 -14.35
CA ILE C 195 6.72 -21.54 -15.55
C ILE C 195 5.52 -20.69 -15.94
N ILE C 196 4.62 -20.49 -14.98
CA ILE C 196 3.43 -19.69 -15.15
C ILE C 196 3.82 -18.28 -15.63
N GLN C 197 4.79 -17.65 -14.96
CA GLN C 197 5.09 -16.25 -15.21
C GLN C 197 5.79 -16.11 -16.56
N ALA C 198 6.47 -17.16 -17.01
CA ALA C 198 7.16 -17.12 -18.28
C ALA C 198 6.17 -17.13 -19.43
N HIS C 199 4.99 -17.75 -19.19
CA HIS C 199 3.93 -17.88 -20.18
C HIS C 199 2.91 -16.75 -20.03
N ASN C 200 2.78 -16.20 -18.82
CA ASN C 200 1.66 -15.36 -18.43
C ASN C 200 2.14 -14.32 -17.41
N PRO C 201 2.73 -13.19 -17.88
CA PRO C 201 3.29 -12.19 -16.99
C PRO C 201 2.37 -11.65 -15.91
N ASN C 202 1.05 -11.76 -16.07
CA ASN C 202 0.10 -11.06 -15.19
C ASN C 202 -0.55 -11.99 -14.17
N ALA C 203 -0.15 -13.26 -14.16
CA ALA C 203 -0.84 -14.29 -13.39
C ALA C 203 -0.50 -14.16 -11.90
N ILE C 204 -1.55 -14.28 -11.08
CA ILE C 204 -1.42 -14.40 -9.62
C ILE C 204 -1.39 -15.88 -9.22
N SER C 205 -0.42 -16.26 -8.38
CA SER C 205 -0.23 -17.65 -7.99
C SER C 205 -0.61 -17.79 -6.51
N LEU C 206 -1.41 -18.83 -6.19
CA LEU C 206 -1.89 -19.05 -4.83
C LEU C 206 -1.18 -20.28 -4.23
N VAL C 207 -0.45 -20.02 -3.13
CA VAL C 207 0.48 -20.99 -2.59
C VAL C 207 0.01 -21.37 -1.20
N ALA C 208 0.17 -22.67 -0.87
CA ALA C 208 -0.40 -23.27 0.32
C ALA C 208 0.71 -23.93 1.15
N GLY C 209 0.49 -23.98 2.47
CA GLY C 209 1.35 -24.70 3.41
C GLY C 209 0.75 -26.05 3.79
N PHE C 210 1.28 -26.66 4.85
CA PHE C 210 0.95 -28.04 5.19
C PHE C 210 -0.20 -28.09 6.17
N ASN C 211 -0.48 -29.32 6.63
CA ASN C 211 -1.65 -29.64 7.44
C ASN C 211 -2.91 -29.31 6.63
N TRP C 212 -2.90 -29.77 5.37
CA TRP C 212 -4.01 -29.65 4.44
C TRP C 212 -4.29 -28.17 4.16
N ALA C 213 -3.21 -27.48 3.72
CA ALA C 213 -3.26 -26.08 3.32
C ALA C 213 -3.84 -25.21 4.43
N TYR C 214 -3.41 -25.43 5.68
CA TYR C 214 -3.91 -24.68 6.82
C TYR C 214 -2.82 -23.74 7.38
N ASP C 215 -1.58 -24.21 7.50
CA ASP C 215 -0.53 -23.48 8.21
C ASP C 215 0.20 -22.50 7.28
N LEU C 216 0.43 -21.28 7.79
CA LEU C 216 1.20 -20.28 7.06
C LEU C 216 2.36 -19.76 7.92
N ARG C 217 2.65 -20.45 9.03
CA ARG C 217 3.72 -19.99 9.90
C ARG C 217 5.07 -20.31 9.29
N GLU C 218 5.21 -21.49 8.66
CA GLU C 218 6.46 -21.81 7.98
C GLU C 218 6.66 -20.88 6.78
N ALA C 219 5.56 -20.55 6.07
CA ALA C 219 5.64 -19.71 4.89
C ALA C 219 6.06 -18.28 5.25
N ALA C 220 5.44 -17.75 6.29
CA ALA C 220 5.79 -16.45 6.84
C ALA C 220 7.29 -16.36 7.15
N ALA C 221 7.88 -17.44 7.68
CA ALA C 221 9.27 -17.43 8.12
C ALA C 221 10.22 -17.55 6.93
N ASN C 222 9.74 -17.99 5.76
CA ASN C 222 10.63 -18.24 4.64
C ASN C 222 9.84 -18.09 3.33
N PRO C 223 9.38 -16.87 3.03
CA PRO C 223 8.38 -16.69 1.99
C PRO C 223 8.88 -16.93 0.56
N ILE C 224 7.90 -17.22 -0.29
CA ILE C 224 8.09 -17.44 -1.72
C ILE C 224 8.71 -16.18 -2.31
N GLU C 225 9.87 -16.33 -2.94
CA GLU C 225 10.55 -15.22 -3.56
C GLU C 225 10.09 -15.06 -5.01
N ARG C 226 8.83 -14.65 -5.18
CA ARG C 226 8.30 -14.31 -6.49
C ARG C 226 7.27 -13.20 -6.33
N ASN C 227 7.01 -12.48 -7.43
CA ASN C 227 5.96 -11.46 -7.51
C ASN C 227 4.60 -12.13 -7.71
N ASN C 228 3.55 -11.38 -7.38
CA ASN C 228 2.18 -11.83 -7.57
C ASN C 228 1.95 -13.18 -6.88
N VAL C 229 2.21 -13.21 -5.58
CA VAL C 229 1.93 -14.37 -4.76
C VAL C 229 0.97 -13.99 -3.65
N ALA C 230 -0.05 -14.84 -3.44
CA ALA C 230 -0.88 -14.82 -2.25
C ALA C 230 -0.87 -16.20 -1.62
N TYR C 231 -1.24 -16.25 -0.33
CA TYR C 231 -1.14 -17.48 0.44
C TYR C 231 -2.55 -17.98 0.77
N VAL C 232 -2.67 -19.31 0.87
CA VAL C 232 -3.93 -20.02 1.02
C VAL C 232 -4.03 -20.61 2.43
N SER C 233 -5.27 -20.68 2.95
CA SER C 233 -5.56 -21.50 4.13
C SER C 233 -6.96 -22.06 4.01
N HIS C 234 -7.13 -23.28 4.56
CA HIS C 234 -8.39 -23.99 4.55
C HIS C 234 -8.82 -24.27 6.00
N PRO C 235 -9.24 -23.22 6.75
CA PRO C 235 -9.66 -23.37 8.15
C PRO C 235 -11.07 -23.92 8.34
N TYR C 236 -11.19 -25.25 8.26
CA TYR C 236 -12.46 -25.92 8.47
C TYR C 236 -12.89 -25.76 9.92
N PRO C 237 -14.20 -25.93 10.22
CA PRO C 237 -14.72 -25.78 11.58
C PRO C 237 -13.90 -26.47 12.67
N GLN C 238 -13.44 -27.68 12.37
CA GLN C 238 -12.88 -28.55 13.40
C GLN C 238 -11.37 -28.66 13.25
N LYS C 239 -10.74 -27.76 12.48
CA LYS C 239 -9.30 -27.75 12.37
C LYS C 239 -8.66 -27.41 13.71
N VAL C 240 -9.26 -26.42 14.38
CA VAL C 240 -8.95 -26.08 15.76
C VAL C 240 -10.26 -25.91 16.52
N GLY C 241 -10.17 -25.95 17.84
CA GLY C 241 -11.32 -25.69 18.70
C GLY C 241 -11.33 -24.24 19.15
N ALA C 242 -12.22 -23.92 20.11
CA ALA C 242 -12.21 -22.60 20.72
C ALA C 242 -10.93 -22.41 21.55
N PRO C 243 -10.42 -21.16 21.72
CA PRO C 243 -11.02 -19.98 21.09
C PRO C 243 -10.61 -19.83 19.62
N TYR C 244 -11.61 -19.76 18.73
CA TYR C 244 -11.41 -19.92 17.29
C TYR C 244 -10.48 -18.84 16.69
N GLN C 245 -10.84 -17.57 16.90
CA GLN C 245 -10.21 -16.45 16.20
C GLN C 245 -8.77 -16.31 16.65
N ALA C 246 -8.50 -16.53 17.93
CA ALA C 246 -7.14 -16.48 18.45
C ALA C 246 -6.29 -17.54 17.74
N ASN C 247 -6.85 -18.76 17.64
CA ASN C 247 -6.14 -19.88 17.06
C ASN C 247 -5.90 -19.65 15.58
N TRP C 248 -6.94 -19.20 14.86
CA TRP C 248 -6.86 -18.89 13.45
C TRP C 248 -5.81 -17.81 13.20
N GLU C 249 -5.90 -16.71 13.96
CA GLU C 249 -4.94 -15.63 13.85
C GLU C 249 -3.51 -16.17 13.96
N ARG C 250 -3.26 -17.04 14.94
CA ARG C 250 -1.94 -17.57 15.18
C ARG C 250 -1.48 -18.40 13.97
N ASP C 251 -2.40 -19.20 13.40
CA ASP C 251 -2.05 -20.26 12.48
C ASP C 251 -1.93 -19.76 11.05
N PHE C 252 -2.79 -18.79 10.67
CA PHE C 252 -2.78 -18.29 9.31
C PHE C 252 -3.20 -16.82 9.21
N GLY C 253 -4.07 -16.35 10.12
CA GLY C 253 -4.68 -15.02 9.97
C GLY C 253 -3.67 -13.87 9.89
N PHE C 254 -2.68 -13.88 10.80
CA PHE C 254 -1.63 -12.86 10.88
C PHE C 254 -0.97 -12.60 9.52
N MET C 255 -0.93 -13.63 8.66
CA MET C 255 -0.25 -13.53 7.38
C MET C 255 -0.99 -12.57 6.45
N ALA C 256 -2.26 -12.23 6.77
CA ALA C 256 -3.06 -11.31 5.96
C ALA C 256 -2.56 -9.87 6.06
N ASP C 257 -1.85 -9.59 7.17
CA ASP C 257 -1.28 -8.27 7.41
C ASP C 257 -0.10 -8.00 6.47
N LYS C 258 0.40 -9.02 5.78
CA LYS C 258 1.70 -8.94 5.11
C LYS C 258 1.60 -9.33 3.63
N TYR C 259 0.94 -10.46 3.34
CA TYR C 259 0.53 -10.84 1.99
C TYR C 259 -0.98 -11.02 1.97
N PRO C 260 -1.63 -11.00 0.78
CA PRO C 260 -3.06 -11.30 0.70
C PRO C 260 -3.28 -12.78 0.97
N VAL C 261 -4.42 -13.09 1.63
CA VAL C 261 -4.79 -14.45 1.96
C VAL C 261 -6.11 -14.79 1.26
N PHE C 262 -6.10 -15.92 0.55
CA PHE C 262 -7.25 -16.41 -0.18
C PHE C 262 -7.62 -17.78 0.40
N ALA C 263 -8.68 -17.81 1.21
CA ALA C 263 -9.14 -19.04 1.82
C ALA C 263 -10.02 -19.80 0.82
N THR C 264 -9.38 -20.66 0.01
CA THR C 264 -9.98 -21.19 -1.20
C THR C 264 -10.88 -22.40 -0.92
N GLU C 265 -10.94 -22.85 0.34
CA GLU C 265 -11.84 -23.93 0.72
C GLU C 265 -12.30 -23.72 2.16
N ILE C 266 -13.55 -23.30 2.32
CA ILE C 266 -14.22 -23.35 3.61
C ILE C 266 -15.59 -23.98 3.42
N GLY C 267 -16.15 -24.53 4.51
CA GLY C 267 -17.47 -25.14 4.45
C GLY C 267 -17.86 -25.82 5.75
N TYR C 268 -19.16 -26.14 5.88
CA TYR C 268 -19.72 -26.72 7.08
C TYR C 268 -21.09 -27.35 6.81
N GLN C 269 -21.44 -28.32 7.64
CA GLN C 269 -22.75 -28.94 7.65
C GLN C 269 -22.95 -29.55 9.05
N LEU C 270 -24.20 -29.99 9.31
CA LEU C 270 -24.55 -30.67 10.54
C LEU C 270 -24.02 -32.11 10.48
N ALA C 271 -23.99 -32.79 11.64
CA ALA C 271 -23.57 -34.18 11.74
C ALA C 271 -24.52 -35.14 11.01
N SER C 272 -25.81 -34.76 10.94
CA SER C 272 -26.87 -35.56 10.34
C SER C 272 -26.94 -35.40 8.81
N ASP C 273 -26.25 -34.38 8.27
CA ASP C 273 -26.28 -34.09 6.84
C ASP C 273 -25.43 -35.10 6.06
N LYS C 274 -25.63 -35.09 4.74
CA LYS C 274 -25.19 -36.15 3.85
C LYS C 274 -23.69 -36.06 3.57
N GLY C 275 -22.96 -37.10 3.99
CA GLY C 275 -21.54 -37.22 3.74
C GLY C 275 -20.72 -36.51 4.82
N ALA C 276 -21.37 -36.16 5.93
CA ALA C 276 -20.75 -35.39 7.00
C ALA C 276 -19.56 -36.16 7.57
N HIS C 277 -18.46 -35.44 7.81
CA HIS C 277 -17.20 -36.03 8.24
C HIS C 277 -16.36 -34.94 8.89
N ILE C 278 -15.47 -35.35 9.80
CA ILE C 278 -14.44 -34.45 10.29
C ILE C 278 -13.56 -34.05 9.09
N PRO C 279 -13.13 -32.77 8.91
CA PRO C 279 -13.23 -31.70 9.90
C PRO C 279 -14.26 -30.60 9.62
N VAL C 280 -15.41 -31.03 9.09
CA VAL C 280 -16.33 -30.14 8.42
C VAL C 280 -17.67 -30.08 9.16
N ILE C 281 -17.76 -30.73 10.33
CA ILE C 281 -18.99 -30.82 11.09
C ILE C 281 -19.06 -29.64 12.07
N ASP C 282 -20.28 -29.09 12.25
CA ASP C 282 -20.47 -27.90 13.05
C ASP C 282 -21.95 -27.73 13.35
N ASP C 283 -22.25 -26.94 14.39
CA ASP C 283 -23.62 -26.65 14.77
C ASP C 283 -24.24 -25.63 13.81
N GLY C 284 -23.43 -24.80 13.13
CA GLY C 284 -23.95 -23.80 12.21
C GLY C 284 -23.36 -22.40 12.43
N SER C 285 -22.72 -22.20 13.60
CA SER C 285 -22.24 -20.88 14.03
C SER C 285 -20.93 -20.49 13.34
N TYR C 286 -20.21 -21.50 12.83
CA TYR C 286 -18.93 -21.31 12.15
C TYR C 286 -19.08 -20.41 10.93
N GLY C 287 -20.21 -20.54 10.23
CA GLY C 287 -20.45 -19.76 9.03
C GLY C 287 -20.29 -18.26 9.28
N PRO C 288 -21.14 -17.66 10.16
CA PRO C 288 -20.98 -16.25 10.54
C PRO C 288 -19.62 -15.92 11.14
N ARG C 289 -19.07 -16.85 11.93
CA ARG C 289 -17.87 -16.58 12.71
C ARG C 289 -16.71 -16.34 11.75
N ILE C 290 -16.63 -17.19 10.70
CA ILE C 290 -15.52 -17.20 9.76
C ILE C 290 -15.66 -16.05 8.78
N THR C 291 -16.89 -15.85 8.29
CA THR C 291 -17.23 -14.73 7.43
C THR C 291 -16.82 -13.41 8.07
N ASP C 292 -17.08 -13.30 9.38
CA ASP C 292 -16.90 -12.04 10.11
C ASP C 292 -15.43 -11.84 10.45
N TYR C 293 -14.73 -12.94 10.80
CA TYR C 293 -13.30 -12.91 11.02
C TYR C 293 -12.57 -12.46 9.75
N PHE C 294 -13.01 -12.98 8.60
CA PHE C 294 -12.41 -12.67 7.31
C PHE C 294 -12.74 -11.24 6.89
N ALA C 295 -13.96 -10.77 7.21
CA ALA C 295 -14.28 -9.36 7.05
C ALA C 295 -13.33 -8.48 7.88
N LYS C 296 -13.11 -8.82 9.18
CA LYS C 296 -12.24 -8.06 10.08
C LYS C 296 -10.81 -7.98 9.50
N LYS C 297 -10.42 -8.96 8.66
CA LYS C 297 -9.04 -9.13 8.21
C LYS C 297 -8.80 -8.77 6.74
N GLY C 298 -9.88 -8.59 5.96
CA GLY C 298 -9.74 -8.27 4.55
C GLY C 298 -9.38 -9.49 3.69
N ILE C 299 -9.80 -10.68 4.15
CA ILE C 299 -9.44 -11.94 3.52
C ILE C 299 -10.53 -12.34 2.52
N SER C 300 -10.10 -12.68 1.29
CA SER C 300 -10.94 -13.30 0.27
C SER C 300 -11.18 -14.80 0.57
N TRP C 301 -12.29 -15.37 0.09
CA TRP C 301 -12.65 -16.73 0.44
C TRP C 301 -13.54 -17.40 -0.61
N VAL C 302 -13.55 -18.74 -0.57
CA VAL C 302 -14.30 -19.56 -1.52
C VAL C 302 -14.96 -20.72 -0.78
N ALA C 303 -16.29 -20.73 -0.80
CA ALA C 303 -17.07 -21.74 -0.12
C ALA C 303 -16.98 -23.06 -0.88
N TRP C 304 -17.04 -24.18 -0.15
CA TRP C 304 -16.91 -25.50 -0.75
C TRP C 304 -18.23 -26.26 -0.69
N VAL C 305 -18.97 -25.99 -1.76
CA VAL C 305 -19.02 -26.74 -3.01
C VAL C 305 -20.43 -26.64 -3.55
N PHE C 306 -20.49 -26.16 -4.79
CA PHE C 306 -21.74 -25.93 -5.49
C PHE C 306 -22.15 -27.24 -6.17
N ASP C 307 -22.52 -28.21 -5.32
CA ASP C 307 -22.80 -29.55 -5.80
C ASP C 307 -23.72 -30.22 -4.79
N PRO C 308 -24.73 -30.99 -5.23
CA PRO C 308 -25.62 -31.69 -4.30
C PRO C 308 -25.08 -33.01 -3.73
N ASP C 309 -23.99 -33.52 -4.32
CA ASP C 309 -23.46 -34.83 -3.96
C ASP C 309 -22.24 -34.69 -3.06
N TRP C 310 -21.23 -33.94 -3.50
CA TRP C 310 -19.98 -33.78 -2.77
C TRP C 310 -20.20 -33.01 -1.48
N SER C 311 -19.49 -33.46 -0.43
CA SER C 311 -19.66 -33.01 0.93
C SER C 311 -18.59 -31.99 1.31
N PRO C 312 -18.92 -30.90 2.06
CA PRO C 312 -20.30 -30.45 2.29
C PRO C 312 -20.99 -29.72 1.12
N GLN C 313 -22.30 -29.99 0.98
CA GLN C 313 -23.11 -29.46 -0.11
C GLN C 313 -23.56 -28.03 0.20
N MET C 314 -23.53 -27.18 -0.83
CA MET C 314 -24.10 -25.84 -0.76
C MET C 314 -25.53 -25.82 -1.32
N ILE C 315 -25.91 -26.88 -2.07
CA ILE C 315 -27.22 -27.04 -2.66
C ILE C 315 -27.73 -28.46 -2.37
N LYS C 316 -29.05 -28.61 -2.25
CA LYS C 316 -29.68 -29.84 -1.78
C LYS C 316 -29.93 -30.80 -2.94
N SER C 317 -30.36 -30.26 -4.08
CA SER C 317 -30.64 -31.03 -5.28
C SER C 317 -30.14 -30.24 -6.49
N TRP C 318 -30.46 -30.72 -7.68
CA TRP C 318 -30.20 -29.94 -8.89
C TRP C 318 -31.24 -28.85 -9.09
N ASP C 319 -32.19 -28.72 -8.15
CA ASP C 319 -33.10 -27.60 -8.15
C ASP C 319 -32.48 -26.40 -7.46
N TYR C 320 -31.22 -26.54 -7.03
CA TYR C 320 -30.36 -25.43 -6.63
C TYR C 320 -30.90 -24.69 -5.40
N GLU C 321 -31.66 -25.39 -4.55
CA GLU C 321 -32.10 -24.85 -3.28
C GLU C 321 -30.92 -24.84 -2.31
N PRO C 322 -30.66 -23.73 -1.57
CA PRO C 322 -29.54 -23.70 -0.63
C PRO C 322 -29.69 -24.61 0.59
N THR C 323 -28.57 -25.23 0.96
CA THR C 323 -28.38 -25.86 2.25
C THR C 323 -28.16 -24.78 3.30
N MET C 324 -27.87 -25.19 4.54
CA MET C 324 -27.66 -24.22 5.60
C MET C 324 -26.46 -23.32 5.26
N GLN C 325 -25.35 -23.94 4.79
CA GLN C 325 -24.15 -23.19 4.48
C GLN C 325 -24.37 -22.35 3.23
N GLY C 326 -25.17 -22.88 2.29
CA GLY C 326 -25.55 -22.14 1.09
C GLY C 326 -26.21 -20.81 1.43
N GLU C 327 -27.20 -20.87 2.34
CA GLU C 327 -27.92 -19.70 2.83
C GLU C 327 -26.96 -18.60 3.24
N HIS C 328 -26.04 -18.95 4.16
CA HIS C 328 -25.19 -17.98 4.82
C HIS C 328 -24.25 -17.32 3.83
N PHE C 329 -23.56 -18.15 3.02
CA PHE C 329 -22.57 -17.63 2.08
C PHE C 329 -23.24 -16.77 1.02
N ARG C 330 -24.47 -17.15 0.63
CA ARG C 330 -25.20 -16.37 -0.36
C ARG C 330 -25.47 -14.97 0.18
N LYS C 331 -25.99 -14.92 1.41
CA LYS C 331 -26.39 -13.68 2.06
C LYS C 331 -25.20 -12.73 2.11
N VAL C 332 -24.01 -13.27 2.42
CA VAL C 332 -22.78 -12.48 2.55
C VAL C 332 -22.29 -12.03 1.18
N MET C 333 -22.40 -12.89 0.17
CA MET C 333 -21.91 -12.56 -1.15
C MET C 333 -22.77 -11.45 -1.74
N LEU C 334 -24.09 -11.54 -1.50
CA LEU C 334 -25.04 -10.56 -2.02
C LEU C 334 -24.81 -9.21 -1.36
N LYS C 335 -24.61 -9.23 -0.05
CA LYS C 335 -24.45 -8.00 0.72
C LYS C 335 -23.14 -7.30 0.35
N GLU C 336 -22.01 -8.03 0.22
CA GLU C 336 -20.69 -7.39 0.20
C GLU C 336 -20.08 -7.28 -1.19
N ASN C 337 -20.51 -8.10 -2.17
CA ASN C 337 -19.97 -8.01 -3.52
C ASN C 337 -20.86 -7.03 -4.32
O5 YLL D . 9.41 2.85 -11.90
C7 YLL D . 10.30 2.96 -13.01
C5 YLL D . 11.56 2.10 -12.83
C6 YLL D . 11.25 0.64 -12.61
O6 YLL D . 10.48 0.55 -11.44
C4 YLL D . 12.45 2.62 -11.69
O4 YLL D . 13.68 1.90 -11.61
C3 YLL D . 12.73 4.12 -11.79
O3 YLL D . 13.42 4.51 -10.60
C2 YLL D . 11.44 4.92 -11.96
O2 YLL D . 11.73 6.30 -12.12
C1 YLL D . 10.64 4.42 -13.16
H5 YLL D . 9.25 3.63 -11.62
H7 YLL D . 9.83 2.64 -13.83
HA YLL D . 12.09 2.17 -13.66
H6C1 YLL D . 12.07 0.12 -12.51
H6C2 YLL D . 10.75 0.28 -13.37
H4 YLL D . 11.96 2.47 -10.84
H6 YLL D . 10.31 -0.28 -11.26
HB YLL D . 13.79 1.46 -12.32
H3 YLL D . 13.32 4.30 -12.57
HC YLL D . 12.96 5.12 -10.22
H2 YLL D . 10.89 4.81 -11.14
HD YLL D . 11.38 6.56 -12.87
C2 BGC E . 15.23 0.32 -10.43
C3 BGC E . 15.97 0.16 -9.09
C4 BGC E . 16.71 1.43 -8.72
C5 BGC E . 15.82 2.66 -8.76
C6 BGC E . 16.63 3.94 -8.68
C1 BGC E . 14.31 1.52 -10.36
O2 BGC E . 14.50 -0.83 -10.85
O3 BGC E . 16.92 -0.90 -9.14
O4 BGC E . 17.20 1.27 -7.40
O5 BGC E . 15.04 2.71 -10.01
O6 BGC E . 15.83 5.14 -8.84
H2 BGC E . 15.90 0.51 -11.13
H3 BGC E . 15.31 -0.05 -8.38
H4 BGC E . 17.47 1.55 -9.32
H5 BGC E . 15.19 2.62 -8.00
H61 BGC E . 17.32 3.93 -9.38
H62 BGC E . 17.09 3.97 -7.81
H1 BGC E . 13.62 1.37 -9.68
HO2 BGC E . 13.75 -0.57 -11.08
HO3 BGC E . 17.66 -0.58 -8.89
HO4 BGC E . 16.79 1.81 -6.84
HO6 BGC E . 15.04 4.92 -8.95
O5 YLL F . -1.71 20.96 29.02
C7 YLL F . -1.84 19.59 29.42
C5 YLL F . -0.77 19.19 30.42
C6 YLL F . -0.73 20.10 31.63
O6 YLL F . -0.21 21.38 31.29
C4 YLL F . 0.61 19.04 29.80
O4 YLL F . 1.48 18.52 30.82
C3 YLL F . 0.60 18.16 28.53
O3 YLL F . 1.92 18.05 27.97
C2 YLL F . -0.39 18.79 27.55
O2 YLL F . -0.45 18.13 26.29
C1 YLL F . -1.79 18.76 28.15
H5 YLL F . -1.66 20.99 28.21
H7 YLL F . -2.74 19.48 29.84
HA YLL F . -1.02 18.29 30.76
H6C1 YLL F . -0.18 19.71 32.34
H6C2 YLL F . -1.64 20.21 31.99
H4 YLL F . 0.95 19.95 29.55
H6 YLL F . -0.19 21.83 32.03
HB YLL F . 1.87 17.86 30.49
H3 YLL F . 0.28 17.26 28.77
HC YLL F . 1.88 18.37 27.15
H2 YLL F . -0.14 19.74 27.40
HD YLL F . -1.23 17.83 26.16
C2 BGC G . 3.67 19.10 32.21
C3 BGC G . 5.19 19.28 32.14
C4 BGC G . 5.83 18.54 30.98
C5 BGC G . 5.02 18.64 29.68
C6 BGC G . 5.60 17.75 28.59
C1 BGC G . 3.00 19.11 30.84
O2 BGC G . 3.08 20.12 33.03
O3 BGC G . 5.77 18.77 33.34
O4 BGC G . 7.13 19.07 30.75
O5 BGC G . 3.66 18.20 29.95
O6 BGC G . 4.99 17.92 27.34
H2 BGC G . 3.47 18.22 32.62
H3 BGC G . 5.40 20.25 32.07
H4 BGC G . 5.92 17.59 31.24
H5 BGC G . 5.00 19.57 29.38
H61 BGC G . 5.51 16.81 28.86
H62 BGC G . 6.56 17.94 28.50
H1 BGC G . 3.08 20.03 30.47
HO2 BGC G . 2.47 20.46 32.55
HO3 BGC G . 6.36 18.20 33.11
HO4 BGC G . 7.20 19.40 29.95
HO6 BGC G . 4.19 18.27 27.47
C2 BGC H . -16.03 -34.45 -0.97
C3 BGC H . -16.02 -35.81 -1.65
C4 BGC H . -15.30 -35.77 -3.00
C5 BGC H . -13.96 -35.06 -2.95
C6 BGC H . -13.39 -34.86 -4.35
C1 BGC H . -14.64 -33.80 -0.98
O2 BGC H . -16.54 -34.58 0.36
O3 BGC H . -17.38 -36.21 -1.82
O4 BGC H . -15.02 -37.09 -3.48
O5 BGC H . -14.13 -33.77 -2.33
O6 BGC H . -12.21 -34.05 -4.39
H2 BGC H . -16.63 -33.85 -1.47
H3 BGC H . -15.56 -36.46 -1.06
H4 BGC H . -15.88 -35.31 -3.65
H5 BGC H . -13.33 -35.60 -2.40
H61 BGC H . -14.08 -34.44 -4.91
H62 BGC H . -13.18 -35.73 -4.73
H1 BGC H . -14.03 -34.33 -0.42
HO2 BGC H . -15.98 -34.25 0.88
HO3 BGC H . -17.50 -36.46 -2.58
HO4 BGC H . -14.20 -37.17 -3.66
HO6 BGC H . -12.03 -33.82 -3.58
O5 YLL I . -10.85 -31.63 2.38
C7 YLL I . -11.71 -30.61 1.85
C5 YLL I . -13.07 -31.19 1.44
C6 YLL I . -13.80 -31.78 2.63
O6 YLL I . -14.33 -33.08 2.39
C4 YLL I . -12.93 -32.11 0.21
O4 YLL I . -14.20 -32.62 -0.23
C3 YLL I . -12.23 -31.40 -0.96
O3 YLL I . -11.94 -32.24 -2.06
C2 YLL I . -10.88 -30.86 -0.49
O2 YLL I . -10.27 -30.20 -1.59
C1 YLL I . -11.02 -29.89 0.68
H5 YLL I . -10.21 -31.62 2.00
H7 YLL I . -11.87 -29.95 2.57
HA YLL I . -13.62 -30.42 1.13
H6C1 YLL I . -14.54 -31.19 2.89
H6C2 YLL I . -13.18 -31.83 3.39
H4 YLL I . -12.37 -32.90 0.48
H6 YLL I . -14.64 -33.40 3.12
HB YLL I . -14.80 -32.09 0.03
H3 YLL I . -12.79 -30.64 -1.26
HC YLL I . -11.10 -32.30 -2.16
H2 YLL I . -10.31 -31.61 -0.22
HD YLL I . -10.14 -29.43 -1.39
#